data_5E3C
#
_entry.id   5E3C
#
_cell.length_a   120.669
_cell.length_b   106.386
_cell.length_c   65.121
_cell.angle_alpha   90.00
_cell.angle_beta   93.44
_cell.angle_gamma   90.00
#
_symmetry.space_group_name_H-M   'C 1 2 1'
#
loop_
_entity.id
_entity.type
_entity.pdbx_description
1 polymer 'Dipeptidyl peptidase 3'
2 polymer IVYPW
3 non-polymer 'ZINC ION'
4 non-polymer 'MAGNESIUM ION'
5 non-polymer 'POTASSIUM ION'
6 water water
#
loop_
_entity_poly.entity_id
_entity_poly.type
_entity_poly.pdbx_seq_one_letter_code
_entity_poly.pdbx_strand_id
1 'polypeptide(L)'
;MADTQYILPNDIGVSSLDSREAFRLLSPTERLYAYHLSRAAWYGGLAVLLQTSPEAPYIYALLSRLFRAQDPDQLRQHAL
AEGLTEEEYQAFLVYAAGVYSNMGNYKSFGDTKFVPNLPKEKLERVILGSEAAQQHPEEVRGLWQTCGELMFSLEPRLRH
LGLGKEGITTYFSGNCTMEDAKLAQDFLDSQNLSAYNTRLFKEVDGCGKPYYEVRLASVLGSEPSLDSEVTSKLKSYEFR
GSPFQVTRGDYAPILQKVVEQLEKAKAYAANSHQGQMLAQYIESFTQGSIEAHKRGSRFWIQDKGPIVESYIGFIESYRD
PFGSRGEFEGFVAVVNKAMSAKFERLVASAEQLLKELPWPPTFEKDKFLTPDFTSLDVLTFAGSGIPAGINIPNYDDLRQ
TEGFKNVSLGNVLAVAYATQREKLTFLEEDDKDLYILWKGPSFDVQVGLHALLGHGSGKLFVQDEKGAFNFDQETVINPE
TGEQIQSWYRCGETWDSKFSTIASSYEECRAESVGLYLSLHPQVLEIFGFEGADAEDVIYVNWLNMVRAGLLALEFYTPE
AFNWRQAHMQARFVILRVLLEAGEGLVTITPTTGSDGRPDARVRLDRSKIRSVGKPALERFLRRLQVLKSTGDVAGGRAL
YEGYATVTDAPPESFLTLRDTVLLRKESRKLIVQPNTRLEGSDVQLLEYEASAAGLIRSFSERFPEDGPELEEILTQLAT
ADARFW
;
A
2 'polypeptide(L)' IVYPW B
#
# COMPACT_ATOMS: atom_id res chain seq x y z
N ASP A 3 -7.12 2.66 21.66
CA ASP A 3 -6.51 2.28 22.94
C ASP A 3 -6.34 0.76 23.02
N THR A 4 -7.41 0.03 22.73
CA THR A 4 -7.38 -1.43 22.74
C THR A 4 -7.05 -1.97 21.35
N GLN A 5 -6.25 -3.03 21.29
CA GLN A 5 -5.90 -3.64 20.02
C GLN A 5 -7.14 -4.27 19.38
N TYR A 6 -7.08 -4.42 18.06
CA TYR A 6 -8.11 -5.11 17.28
C TYR A 6 -9.49 -4.44 17.32
N ILE A 7 -9.54 -3.19 17.79
CA ILE A 7 -10.76 -2.39 17.72
C ILE A 7 -10.44 -0.97 17.30
N LEU A 8 -11.45 -0.27 16.78
CA LEU A 8 -11.29 1.12 16.39
C LEU A 8 -11.96 2.04 17.41
N PRO A 9 -11.23 3.05 17.90
CA PRO A 9 -11.73 3.97 18.91
C PRO A 9 -12.89 4.82 18.40
N ASN A 10 -13.85 5.12 19.27
CA ASN A 10 -14.98 5.97 18.90
C ASN A 10 -14.53 7.37 18.50
N ASP A 11 -13.52 7.88 19.20
CA ASP A 11 -13.04 9.23 18.95
C ASP A 11 -11.93 9.25 17.90
N ILE A 12 -11.91 8.22 17.05
CA ILE A 12 -10.90 8.12 15.99
C ILE A 12 -11.00 9.31 15.04
N GLY A 13 -9.86 9.80 14.59
CA GLY A 13 -9.82 10.97 13.72
C GLY A 13 -10.36 10.69 12.32
N VAL A 14 -11.24 11.56 11.86
CA VAL A 14 -11.76 11.47 10.50
C VAL A 14 -11.53 12.80 9.78
N SER A 15 -10.95 12.75 8.58
CA SER A 15 -10.71 13.95 7.80
C SER A 15 -11.20 13.81 6.37
N SER A 16 -11.87 14.85 5.88
CA SER A 16 -12.36 14.86 4.51
C SER A 16 -11.27 15.34 3.55
N LEU A 17 -11.17 14.67 2.41
CA LEU A 17 -10.20 15.04 1.38
C LEU A 17 -10.67 16.30 0.64
N ASP A 18 -9.82 17.31 0.58
CA ASP A 18 -10.17 18.57 -0.05
C ASP A 18 -9.89 18.54 -1.55
N SER A 19 -10.95 18.63 -2.35
CA SER A 19 -10.82 18.48 -3.80
C SER A 19 -11.67 19.49 -4.59
N ARG A 20 -12.24 20.46 -3.89
CA ARG A 20 -13.15 21.42 -4.51
C ARG A 20 -12.44 22.33 -5.52
N GLU A 21 -11.28 22.87 -5.14
CA GLU A 21 -10.61 23.85 -5.97
C GLU A 21 -9.94 23.21 -7.19
N ALA A 22 -9.41 22.00 -7.01
CA ALA A 22 -8.79 21.28 -8.10
C ALA A 22 -9.82 20.89 -9.16
N PHE A 23 -10.99 20.44 -8.70
CA PHE A 23 -12.07 20.04 -9.61
C PHE A 23 -12.61 21.24 -10.37
N ARG A 24 -12.53 22.42 -9.77
CA ARG A 24 -13.09 23.64 -10.35
C ARG A 24 -12.28 24.10 -11.56
N LEU A 25 -11.02 23.70 -11.62
CA LEU A 25 -10.13 24.09 -12.71
C LEU A 25 -10.35 23.23 -13.96
N LEU A 26 -10.91 22.04 -13.76
CA LEU A 26 -11.13 21.11 -14.87
C LEU A 26 -12.16 21.63 -15.86
N SER A 27 -11.91 21.37 -17.14
CA SER A 27 -12.86 21.69 -18.20
C SER A 27 -13.95 20.63 -18.25
N PRO A 28 -15.12 20.97 -18.82
CA PRO A 28 -16.24 20.03 -18.99
C PRO A 28 -15.83 18.66 -19.53
N THR A 29 -14.88 18.63 -20.47
CA THR A 29 -14.43 17.38 -21.06
C THR A 29 -13.59 16.57 -20.07
N GLU A 30 -12.68 17.25 -19.39
CA GLU A 30 -11.80 16.62 -18.42
C GLU A 30 -12.58 16.07 -17.23
N ARG A 31 -13.68 16.73 -16.89
CA ARG A 31 -14.53 16.30 -15.78
C ARG A 31 -15.23 14.98 -16.10
N LEU A 32 -15.70 14.86 -17.34
CA LEU A 32 -16.31 13.61 -17.81
C LEU A 32 -15.26 12.51 -17.88
N TYR A 33 -14.02 12.90 -18.16
CA TYR A 33 -12.90 11.97 -18.20
C TYR A 33 -12.61 11.46 -16.79
N ALA A 34 -12.60 12.37 -15.82
CA ALA A 34 -12.34 12.02 -14.43
C ALA A 34 -13.51 11.27 -13.81
N TYR A 35 -14.72 11.53 -14.31
CA TYR A 35 -15.92 10.88 -13.81
C TYR A 35 -15.90 9.37 -14.04
N HIS A 36 -15.71 8.97 -15.29
CA HIS A 36 -15.74 7.56 -15.65
C HIS A 36 -14.53 6.81 -15.09
N LEU A 37 -13.39 7.48 -15.01
CA LEU A 37 -12.20 6.86 -14.43
C LEU A 37 -12.38 6.61 -12.94
N SER A 38 -13.09 7.52 -12.28
CA SER A 38 -13.40 7.36 -10.86
C SER A 38 -14.30 6.16 -10.64
N ARG A 39 -15.34 6.05 -11.47
CA ARG A 39 -16.28 4.94 -11.38
C ARG A 39 -15.58 3.61 -11.62
N ALA A 40 -14.67 3.59 -12.58
CA ALA A 40 -13.89 2.40 -12.88
C ALA A 40 -13.07 1.99 -11.67
N ALA A 41 -12.45 2.96 -11.02
CA ALA A 41 -11.59 2.72 -9.87
C ALA A 41 -12.40 2.21 -8.68
N TRP A 42 -13.51 2.87 -8.38
CA TRP A 42 -14.36 2.47 -7.26
C TRP A 42 -14.92 1.07 -7.46
N TYR A 43 -15.24 0.74 -8.71
CA TYR A 43 -15.69 -0.60 -9.07
C TYR A 43 -14.62 -1.64 -8.73
N GLY A 44 -13.40 -1.38 -9.20
CA GLY A 44 -12.30 -2.31 -9.01
C GLY A 44 -11.80 -2.36 -7.58
N GLY A 45 -12.07 -1.32 -6.82
CA GLY A 45 -11.67 -1.27 -5.42
C GLY A 45 -12.43 -2.27 -4.57
N LEU A 46 -13.60 -2.69 -5.06
CA LEU A 46 -14.41 -3.69 -4.37
C LEU A 46 -13.72 -5.04 -4.33
N ALA A 47 -12.83 -5.28 -5.28
CA ALA A 47 -12.11 -6.54 -5.37
C ALA A 47 -11.14 -6.73 -4.20
N VAL A 48 -10.77 -5.62 -3.56
CA VAL A 48 -9.90 -5.67 -2.39
C VAL A 48 -10.57 -6.45 -1.26
N LEU A 49 -11.89 -6.38 -1.20
CA LEU A 49 -12.67 -7.15 -0.24
C LEU A 49 -12.39 -8.65 -0.39
N LEU A 50 -12.29 -9.10 -1.63
CA LEU A 50 -12.02 -10.51 -1.92
C LEU A 50 -10.54 -10.85 -1.70
N GLN A 51 -9.70 -9.82 -1.65
CA GLN A 51 -8.27 -10.02 -1.45
C GLN A 51 -7.88 -9.77 0.01
N THR A 52 -8.87 -9.59 0.87
CA THR A 52 -8.64 -9.31 2.28
C THR A 52 -8.94 -10.52 3.16
N SER A 53 -10.23 -10.83 3.30
CA SER A 53 -10.65 -11.94 4.16
C SER A 53 -11.87 -12.63 3.56
N PRO A 54 -12.13 -13.89 3.98
CA PRO A 54 -13.29 -14.63 3.47
C PRO A 54 -14.63 -13.97 3.79
N GLU A 55 -14.73 -13.29 4.92
CA GLU A 55 -16.00 -12.71 5.36
C GLU A 55 -16.15 -11.24 4.95
N ALA A 56 -15.08 -10.66 4.43
CA ALA A 56 -15.09 -9.26 4.04
C ALA A 56 -16.17 -8.90 3.01
N PRO A 57 -16.35 -9.71 1.94
CA PRO A 57 -17.42 -9.35 1.00
C PRO A 57 -18.81 -9.39 1.63
N TYR A 58 -19.04 -10.36 2.51
CA TYR A 58 -20.32 -10.48 3.20
C TYR A 58 -20.58 -9.28 4.10
N ILE A 59 -19.53 -8.80 4.76
CA ILE A 59 -19.64 -7.67 5.66
C ILE A 59 -20.01 -6.40 4.90
N TYR A 60 -19.33 -6.15 3.79
CA TYR A 60 -19.63 -4.99 2.96
C TYR A 60 -21.07 -5.05 2.45
N ALA A 61 -21.45 -6.23 1.95
CA ALA A 61 -22.79 -6.43 1.41
C ALA A 61 -23.87 -6.13 2.45
N LEU A 62 -23.63 -6.59 3.67
CA LEU A 62 -24.58 -6.38 4.77
C LEU A 62 -24.70 -4.91 5.14
N LEU A 63 -23.56 -4.25 5.28
CA LEU A 63 -23.53 -2.82 5.62
C LEU A 63 -24.12 -1.98 4.49
N SER A 64 -23.85 -2.37 3.26
CA SER A 64 -24.34 -1.64 2.10
C SER A 64 -25.87 -1.67 2.03
N ARG A 65 -26.46 -2.82 2.29
CA ARG A 65 -27.89 -2.95 2.26
C ARG A 65 -28.53 -2.21 3.36
N LEU A 66 -27.89 -2.28 4.49
CA LEU A 66 -28.35 -1.70 5.69
C LEU A 66 -28.37 -0.23 5.69
N PHE A 67 -27.38 0.37 5.08
CA PHE A 67 -27.27 1.81 5.08
C PHE A 67 -27.98 2.44 3.92
N ARG A 68 -28.53 1.61 3.06
CA ARG A 68 -29.29 2.03 1.90
CA ARG A 68 -29.29 2.03 1.90
C ARG A 68 -30.72 2.36 2.30
N ALA A 69 -31.31 1.49 3.12
CA ALA A 69 -32.68 1.67 3.58
C ALA A 69 -32.75 2.74 4.67
N GLN A 70 -31.72 2.78 5.52
CA GLN A 70 -31.67 3.73 6.62
C GLN A 70 -30.31 4.41 6.70
N ASP A 71 -30.30 5.74 6.54
CA ASP A 71 -29.07 6.50 6.68
C ASP A 71 -28.63 6.45 8.15
N PRO A 72 -27.37 6.83 8.45
CA PRO A 72 -26.87 6.80 9.83
C PRO A 72 -27.77 7.50 10.85
N ASP A 73 -28.51 8.53 10.44
CA ASP A 73 -29.39 9.25 11.35
C ASP A 73 -30.73 8.54 11.52
N GLN A 74 -31.18 7.88 10.46
CA GLN A 74 -32.42 7.10 10.53
C GLN A 74 -32.19 5.82 11.32
N LEU A 75 -31.03 5.20 11.12
CA LEU A 75 -30.69 3.96 11.81
C LEU A 75 -30.45 4.20 13.30
N ARG A 76 -30.02 5.42 13.65
CA ARG A 76 -29.80 5.79 15.04
C ARG A 76 -31.10 5.69 15.84
N GLN A 77 -32.18 6.18 15.24
CA GLN A 77 -33.49 6.18 15.89
C GLN A 77 -33.98 4.74 16.10
N HIS A 78 -33.54 3.84 15.22
CA HIS A 78 -33.90 2.43 15.33
C HIS A 78 -33.03 1.74 16.37
N ALA A 79 -31.72 1.95 16.27
CA ALA A 79 -30.75 1.29 17.13
C ALA A 79 -30.95 1.66 18.60
N LEU A 80 -31.26 2.92 18.86
CA LEU A 80 -31.44 3.40 20.23
C LEU A 80 -32.76 2.94 20.81
N ALA A 81 -33.72 2.62 19.94
CA ALA A 81 -35.02 2.12 20.38
C ALA A 81 -34.95 0.61 20.59
N GLU A 82 -33.84 0.01 20.19
CA GLU A 82 -33.65 -1.44 20.35
C GLU A 82 -32.85 -1.78 21.60
N GLY A 83 -32.27 -0.77 22.24
CA GLY A 83 -31.55 -0.97 23.49
C GLY A 83 -30.08 -0.67 23.42
N LEU A 84 -29.67 0.09 22.41
CA LEU A 84 -28.27 0.47 22.26
C LEU A 84 -28.02 1.88 22.81
N THR A 85 -26.92 2.04 23.52
CA THR A 85 -26.52 3.36 23.99
C THR A 85 -25.89 4.13 22.84
N GLU A 86 -25.80 5.45 22.99
CA GLU A 86 -25.22 6.30 21.96
C GLU A 86 -23.75 5.97 21.74
N GLU A 87 -23.09 5.50 22.79
CA GLU A 87 -21.69 5.12 22.70
C GLU A 87 -21.53 3.83 21.90
N GLU A 88 -22.46 2.90 22.07
CA GLU A 88 -22.42 1.63 21.36
C GLU A 88 -22.77 1.80 19.88
N TYR A 89 -23.65 2.75 19.58
CA TYR A 89 -24.03 3.00 18.19
C TYR A 89 -22.89 3.66 17.43
N GLN A 90 -22.18 4.55 18.11
CA GLN A 90 -21.01 5.20 17.52
C GLN A 90 -19.90 4.18 17.25
N ALA A 91 -19.83 3.17 18.11
CA ALA A 91 -18.85 2.10 17.96
C ALA A 91 -19.13 1.29 16.69
N PHE A 92 -20.40 1.24 16.30
CA PHE A 92 -20.78 0.52 15.09
C PHE A 92 -20.53 1.37 13.84
N LEU A 93 -20.78 2.67 13.96
CA LEU A 93 -20.53 3.59 12.85
C LEU A 93 -19.04 3.62 12.50
N VAL A 94 -18.20 3.67 13.53
CA VAL A 94 -16.75 3.70 13.33
C VAL A 94 -16.27 2.40 12.68
N TYR A 95 -16.84 1.28 13.10
CA TYR A 95 -16.50 0.00 12.50
C TYR A 95 -16.89 -0.05 11.04
N ALA A 96 -18.10 0.42 10.74
CA ALA A 96 -18.61 0.43 9.37
C ALA A 96 -17.75 1.34 8.49
N ALA A 97 -17.34 2.48 9.03
CA ALA A 97 -16.48 3.40 8.30
C ALA A 97 -15.08 2.81 8.10
N GLY A 98 -14.66 1.99 9.06
CA GLY A 98 -13.38 1.32 8.97
C GLY A 98 -13.36 0.28 7.86
N VAL A 99 -14.42 -0.50 7.76
CA VAL A 99 -14.55 -1.52 6.73
C VAL A 99 -14.59 -0.88 5.34
N TYR A 100 -15.29 0.25 5.23
CA TYR A 100 -15.34 1.00 3.98
C TYR A 100 -13.96 1.53 3.60
N SER A 101 -13.29 2.16 4.55
CA SER A 101 -12.02 2.84 4.28
C SER A 101 -10.87 1.86 4.03
N ASN A 102 -10.99 0.65 4.56
CA ASN A 102 -9.96 -0.37 4.35
C ASN A 102 -10.34 -1.39 3.30
N MET A 103 -11.60 -1.35 2.88
CA MET A 103 -12.17 -2.37 2.00
C MET A 103 -11.95 -3.75 2.60
N GLY A 104 -12.37 -3.91 3.85
CA GLY A 104 -12.20 -5.16 4.56
C GLY A 104 -12.10 -4.96 6.06
N ASN A 105 -12.19 -6.04 6.83
CA ASN A 105 -12.13 -5.96 8.28
C ASN A 105 -10.71 -6.16 8.82
N TYR A 106 -9.72 -5.79 8.02
CA TYR A 106 -8.33 -5.80 8.44
C TYR A 106 -7.69 -4.46 8.10
N LYS A 107 -6.92 -3.91 9.04
CA LYS A 107 -6.24 -2.64 8.82
C LYS A 107 -5.24 -2.75 7.67
N SER A 108 -5.38 -1.87 6.68
CA SER A 108 -4.45 -1.82 5.56
C SER A 108 -3.05 -1.45 6.03
N PHE A 109 -2.99 -0.67 7.10
CA PHE A 109 -1.72 -0.27 7.68
C PHE A 109 -1.51 -0.99 9.01
N GLY A 110 -1.08 -2.25 8.94
CA GLY A 110 -0.86 -3.05 10.13
C GLY A 110 -1.25 -4.51 9.95
N ASP A 111 -2.12 -4.77 8.98
CA ASP A 111 -2.60 -6.12 8.68
C ASP A 111 -3.21 -6.82 9.90
N THR A 112 -3.90 -6.06 10.73
CA THR A 112 -4.55 -6.61 11.91
C THR A 112 -6.07 -6.54 11.80
N LYS A 113 -6.74 -7.55 12.32
CA LYS A 113 -8.20 -7.60 12.30
C LYS A 113 -8.79 -6.59 13.28
N PHE A 114 -9.84 -5.89 12.86
CA PHE A 114 -10.57 -5.04 13.79
C PHE A 114 -12.04 -5.46 13.85
N VAL A 115 -12.59 -5.46 15.06
CA VAL A 115 -13.95 -5.92 15.30
C VAL A 115 -14.80 -4.80 15.89
N PRO A 116 -16.14 -4.91 15.76
CA PRO A 116 -17.01 -3.90 16.36
C PRO A 116 -16.89 -3.85 17.89
N ASN A 117 -16.86 -2.65 18.44
CA ASN A 117 -16.70 -2.49 19.89
C ASN A 117 -18.04 -2.45 20.61
N LEU A 118 -18.84 -3.50 20.40
CA LEU A 118 -20.16 -3.60 21.03
C LEU A 118 -20.60 -5.05 21.09
N PRO A 119 -21.48 -5.39 22.04
CA PRO A 119 -22.01 -6.76 22.16
C PRO A 119 -22.65 -7.27 20.87
N LYS A 120 -22.28 -8.48 20.47
CA LYS A 120 -22.79 -9.08 19.24
C LYS A 120 -24.30 -9.33 19.32
N GLU A 121 -24.78 -9.61 20.53
CA GLU A 121 -26.20 -9.86 20.73
C GLU A 121 -27.03 -8.60 20.49
N LYS A 122 -26.44 -7.44 20.76
CA LYS A 122 -27.13 -6.18 20.56
C LYS A 122 -27.13 -5.77 19.10
N LEU A 123 -26.07 -6.09 18.39
CA LEU A 123 -25.98 -5.76 16.96
C LEU A 123 -26.92 -6.63 16.14
N GLU A 124 -27.16 -7.86 16.61
CA GLU A 124 -28.05 -8.77 15.93
C GLU A 124 -29.49 -8.27 15.97
N ARG A 125 -29.88 -7.71 17.12
CA ARG A 125 -31.24 -7.20 17.29
C ARG A 125 -31.50 -5.96 16.44
N VAL A 126 -30.43 -5.26 16.08
CA VAL A 126 -30.54 -4.07 15.24
C VAL A 126 -30.65 -4.45 13.77
N ILE A 127 -29.77 -5.35 13.33
CA ILE A 127 -29.72 -5.76 11.93
C ILE A 127 -30.95 -6.55 11.52
N LEU A 128 -31.35 -7.50 12.36
CA LEU A 128 -32.51 -8.33 12.05
C LEU A 128 -33.82 -7.56 12.17
N GLY A 129 -33.79 -6.43 12.86
CA GLY A 129 -34.98 -5.61 13.03
C GLY A 129 -34.94 -4.34 12.18
N SER A 130 -33.94 -4.23 11.33
CA SER A 130 -33.75 -3.04 10.51
C SER A 130 -34.77 -2.98 9.36
N GLU A 131 -34.74 -1.87 8.62
CA GLU A 131 -35.61 -1.69 7.46
C GLU A 131 -35.21 -2.60 6.32
N ALA A 132 -33.90 -2.83 6.17
CA ALA A 132 -33.39 -3.71 5.13
C ALA A 132 -33.80 -5.15 5.39
N ALA A 133 -34.06 -5.48 6.66
CA ALA A 133 -34.48 -6.82 7.04
C ALA A 133 -35.97 -7.02 6.76
N GLN A 134 -36.73 -5.94 6.77
CA GLN A 134 -38.17 -6.02 6.52
C GLN A 134 -38.48 -6.07 5.03
N GLN A 135 -37.53 -5.60 4.21
CA GLN A 135 -37.69 -5.60 2.77
C GLN A 135 -37.19 -6.89 2.14
N HIS A 136 -36.00 -7.32 2.56
CA HIS A 136 -35.41 -8.57 2.08
C HIS A 136 -34.91 -9.42 3.23
N PRO A 137 -35.83 -10.10 3.93
CA PRO A 137 -35.52 -10.91 5.12
C PRO A 137 -34.53 -12.05 4.84
N GLU A 138 -34.72 -12.77 3.73
CA GLU A 138 -33.91 -13.93 3.43
C GLU A 138 -32.45 -13.58 3.18
N GLU A 139 -32.22 -12.44 2.53
CA GLU A 139 -30.87 -12.03 2.16
C GLU A 139 -30.11 -11.41 3.33
N VAL A 140 -30.83 -10.79 4.25
CA VAL A 140 -30.20 -10.16 5.41
C VAL A 140 -29.86 -11.20 6.48
N ARG A 141 -30.79 -12.10 6.74
CA ARG A 141 -30.55 -13.16 7.72
C ARG A 141 -29.53 -14.17 7.22
N GLY A 142 -29.41 -14.27 5.90
CA GLY A 142 -28.42 -15.15 5.29
C GLY A 142 -27.02 -14.61 5.47
N LEU A 143 -26.87 -13.30 5.25
CA LEU A 143 -25.58 -12.64 5.39
C LEU A 143 -25.10 -12.67 6.84
N TRP A 144 -25.99 -12.35 7.77
CA TRP A 144 -25.64 -12.31 9.18
C TRP A 144 -25.30 -13.70 9.73
N GLN A 145 -25.89 -14.72 9.13
CA GLN A 145 -25.61 -16.10 9.53
C GLN A 145 -24.22 -16.52 9.07
N THR A 146 -23.77 -15.94 7.97
CA THR A 146 -22.50 -16.31 7.37
C THR A 146 -21.32 -15.51 7.92
N CYS A 147 -21.51 -14.21 8.08
CA CYS A 147 -20.41 -13.33 8.48
C CYS A 147 -20.52 -12.86 9.93
N GLY A 148 -21.59 -13.27 10.61
CA GLY A 148 -21.82 -12.84 11.98
C GLY A 148 -20.76 -13.32 12.95
N GLU A 149 -20.40 -14.59 12.84
CA GLU A 149 -19.42 -15.19 13.73
C GLU A 149 -18.03 -14.58 13.53
N LEU A 150 -17.62 -14.48 12.27
CA LEU A 150 -16.28 -14.00 11.94
C LEU A 150 -16.12 -12.49 12.09
N MET A 151 -17.24 -11.79 12.25
CA MET A 151 -17.22 -10.34 12.41
C MET A 151 -16.65 -9.95 13.77
N PHE A 152 -16.81 -10.84 14.75
CA PHE A 152 -16.39 -10.54 16.12
C PHE A 152 -15.27 -11.45 16.62
N SER A 153 -15.01 -12.53 15.90
CA SER A 153 -14.06 -13.54 16.36
C SER A 153 -12.61 -13.05 16.37
N LEU A 154 -12.04 -12.95 17.57
CA LEU A 154 -10.65 -12.55 17.73
C LEU A 154 -9.77 -13.72 18.13
N GLU A 155 -9.98 -14.86 17.48
CA GLU A 155 -9.15 -16.04 17.70
C GLU A 155 -7.72 -15.75 17.24
N PRO A 156 -6.72 -16.29 17.97
CA PRO A 156 -5.30 -16.04 17.72
C PRO A 156 -4.88 -16.20 16.26
N ARG A 157 -5.51 -17.14 15.56
CA ARG A 157 -5.18 -17.40 14.16
C ARG A 157 -5.88 -16.44 13.21
N LEU A 158 -6.80 -15.64 13.75
CA LEU A 158 -7.59 -14.73 12.93
C LEU A 158 -7.16 -13.27 13.07
N ARG A 159 -6.20 -13.03 13.95
CA ARG A 159 -5.83 -11.65 14.30
C ARG A 159 -4.93 -10.98 13.28
N HIS A 160 -4.10 -11.77 12.58
CA HIS A 160 -3.14 -11.20 11.64
C HIS A 160 -3.24 -11.86 10.26
N LEU A 161 -2.83 -11.12 9.24
CA LEU A 161 -2.74 -11.67 7.88
C LEU A 161 -1.44 -12.44 7.70
N GLY A 162 -1.53 -13.62 7.08
CA GLY A 162 -0.34 -14.41 6.85
C GLY A 162 -0.63 -15.81 6.34
N LEU A 163 0.42 -16.51 5.91
CA LEU A 163 0.29 -17.87 5.41
C LEU A 163 0.29 -18.88 6.54
N GLY A 164 0.07 -20.15 6.19
CA GLY A 164 0.02 -21.21 7.18
C GLY A 164 -1.20 -21.10 8.07
N LYS A 165 -1.17 -21.80 9.19
CA LYS A 165 -2.27 -21.77 10.15
C LYS A 165 -2.11 -20.60 11.12
N GLU A 166 -1.04 -19.84 10.94
CA GLU A 166 -0.72 -18.71 11.81
C GLU A 166 -1.70 -17.56 11.60
N GLY A 167 -2.07 -17.30 10.35
CA GLY A 167 -2.92 -16.17 10.02
C GLY A 167 -3.96 -16.44 8.94
N ILE A 168 -4.47 -15.36 8.36
CA ILE A 168 -5.51 -15.44 7.35
C ILE A 168 -5.10 -14.73 6.06
N THR A 169 -5.34 -15.36 4.93
CA THR A 169 -5.06 -14.75 3.64
C THR A 169 -5.98 -15.33 2.57
N THR A 170 -6.40 -14.49 1.63
CA THR A 170 -7.25 -14.94 0.53
C THR A 170 -6.49 -14.91 -0.79
N TYR A 171 -5.24 -14.46 -0.74
CA TYR A 171 -4.35 -14.59 -1.89
C TYR A 171 -4.08 -16.07 -2.13
N PHE A 172 -4.02 -16.82 -1.03
CA PHE A 172 -3.82 -18.25 -1.07
C PHE A 172 -4.99 -18.95 -0.39
N SER A 173 -5.14 -20.25 -0.64
CA SER A 173 -6.14 -21.05 0.05
C SER A 173 -5.72 -21.28 1.50
N GLY A 174 -6.63 -21.82 2.30
CA GLY A 174 -6.39 -22.00 3.72
C GLY A 174 -5.26 -22.94 4.06
N ASN A 175 -5.09 -24.00 3.26
CA ASN A 175 -4.10 -25.02 3.56
C ASN A 175 -2.70 -24.72 3.00
N CYS A 176 -2.57 -23.57 2.35
CA CYS A 176 -1.28 -23.18 1.76
C CYS A 176 -0.27 -22.71 2.82
N THR A 177 1.00 -23.01 2.58
CA THR A 177 2.07 -22.55 3.46
C THR A 177 3.12 -21.79 2.66
N MET A 178 4.20 -21.39 3.33
CA MET A 178 5.27 -20.64 2.68
C MET A 178 5.97 -21.48 1.62
N GLU A 179 6.01 -22.80 1.85
CA GLU A 179 6.63 -23.72 0.90
C GLU A 179 5.84 -23.81 -0.40
N ASP A 180 4.52 -23.73 -0.30
CA ASP A 180 3.66 -23.77 -1.48
C ASP A 180 3.79 -22.50 -2.30
N ALA A 181 3.94 -21.37 -1.59
CA ALA A 181 4.04 -20.07 -2.25
C ALA A 181 5.36 -19.95 -3.02
N LYS A 182 6.41 -20.54 -2.48
CA LYS A 182 7.71 -20.50 -3.14
C LYS A 182 7.73 -21.43 -4.35
N LEU A 183 7.09 -22.59 -4.21
CA LEU A 183 6.99 -23.54 -5.31
C LEU A 183 6.21 -22.95 -6.48
N ALA A 184 5.18 -22.17 -6.15
CA ALA A 184 4.35 -21.52 -7.15
C ALA A 184 5.16 -20.47 -7.91
N GLN A 185 5.99 -19.74 -7.17
CA GLN A 185 6.78 -18.66 -7.76
C GLN A 185 7.77 -19.19 -8.80
N ASP A 186 8.30 -20.37 -8.54
CA ASP A 186 9.23 -21.02 -9.46
C ASP A 186 8.50 -21.45 -10.74
N PHE A 187 7.25 -21.86 -10.59
CA PHE A 187 6.43 -22.25 -11.73
C PHE A 187 6.09 -21.04 -12.60
N LEU A 188 5.87 -19.91 -11.95
CA LEU A 188 5.54 -18.68 -12.65
C LEU A 188 6.74 -18.09 -13.37
N ASP A 189 7.92 -18.23 -12.76
CA ASP A 189 9.15 -17.75 -13.37
C ASP A 189 9.55 -18.62 -14.55
N SER A 190 9.26 -19.92 -14.47
CA SER A 190 9.59 -20.86 -15.53
C SER A 190 8.71 -20.64 -16.75
N GLN A 191 7.43 -20.37 -16.52
CA GLN A 191 6.50 -20.15 -17.62
C GLN A 191 6.40 -18.68 -18.00
N ASN A 192 7.29 -17.87 -17.40
CA ASN A 192 7.35 -16.44 -17.67
C ASN A 192 6.01 -15.73 -17.50
N LEU A 193 5.32 -16.06 -16.42
CA LEU A 193 4.01 -15.47 -16.13
C LEU A 193 4.05 -14.69 -14.82
N SER A 194 3.60 -13.44 -14.87
CA SER A 194 3.62 -12.58 -13.69
C SER A 194 2.61 -13.05 -12.64
N ALA A 195 2.78 -12.57 -11.41
CA ALA A 195 1.91 -13.00 -10.32
C ALA A 195 1.06 -11.85 -9.78
N TYR A 196 1.21 -10.67 -10.37
CA TYR A 196 0.50 -9.48 -9.90
C TYR A 196 -1.01 -9.65 -9.86
N ASN A 197 -1.56 -10.34 -10.86
CA ASN A 197 -3.00 -10.53 -10.95
C ASN A 197 -3.40 -11.99 -10.78
N THR A 198 -2.61 -12.73 -10.01
CA THR A 198 -2.87 -14.16 -9.82
C THR A 198 -3.13 -14.51 -8.35
N ARG A 199 -3.90 -15.57 -8.15
CA ARG A 199 -4.08 -16.15 -6.81
C ARG A 199 -3.82 -17.65 -6.86
N LEU A 200 -3.34 -18.20 -5.75
CA LEU A 200 -3.02 -19.62 -5.70
C LEU A 200 -3.99 -20.40 -4.82
N PHE A 201 -4.47 -21.52 -5.32
CA PHE A 201 -5.38 -22.38 -4.56
C PHE A 201 -4.88 -23.82 -4.57
N LYS A 202 -4.90 -24.46 -3.41
CA LYS A 202 -4.43 -25.84 -3.30
C LYS A 202 -5.54 -26.77 -2.79
N GLU A 203 -5.93 -27.73 -3.63
CA GLU A 203 -6.91 -28.72 -3.24
C GLU A 203 -6.30 -30.12 -3.25
N VAL A 204 -6.94 -31.06 -2.55
CA VAL A 204 -6.46 -32.43 -2.51
C VAL A 204 -7.53 -33.39 -3.04
N ASP A 205 -7.08 -34.52 -3.58
CA ASP A 205 -7.99 -35.52 -4.13
C ASP A 205 -8.23 -36.64 -3.13
N GLY A 206 -8.85 -37.73 -3.60
CA GLY A 206 -9.11 -38.88 -2.76
C GLY A 206 -7.83 -39.57 -2.34
N CYS A 207 -6.81 -39.46 -3.19
CA CYS A 207 -5.50 -40.03 -2.90
C CYS A 207 -4.77 -39.21 -1.85
N GLY A 208 -4.83 -37.88 -1.99
CA GLY A 208 -4.17 -36.99 -1.06
C GLY A 208 -3.22 -36.04 -1.75
N LYS A 209 -3.03 -36.26 -3.06
CA LYS A 209 -2.14 -35.42 -3.85
C LYS A 209 -2.67 -34.00 -3.99
N PRO A 210 -1.85 -33.00 -3.63
CA PRO A 210 -2.24 -31.59 -3.75
C PRO A 210 -2.36 -31.14 -5.20
N TYR A 211 -3.42 -30.40 -5.50
CA TYR A 211 -3.62 -29.83 -6.83
C TYR A 211 -3.51 -28.30 -6.78
N TYR A 212 -2.57 -27.76 -7.54
CA TYR A 212 -2.33 -26.32 -7.53
C TYR A 212 -3.04 -25.62 -8.68
N GLU A 213 -3.76 -24.54 -8.36
CA GLU A 213 -4.47 -23.77 -9.38
C GLU A 213 -4.08 -22.30 -9.33
N VAL A 214 -3.44 -21.84 -10.41
CA VAL A 214 -3.08 -20.43 -10.54
C VAL A 214 -4.15 -19.70 -11.34
N ARG A 215 -4.93 -18.85 -10.67
CA ARG A 215 -6.05 -18.18 -11.30
C ARG A 215 -5.75 -16.73 -11.66
N LEU A 216 -5.76 -16.43 -12.96
CA LEU A 216 -5.55 -15.07 -13.44
C LEU A 216 -6.81 -14.24 -13.21
N ALA A 217 -6.64 -12.93 -13.02
CA ALA A 217 -7.77 -12.03 -12.86
C ALA A 217 -8.21 -11.46 -14.19
N SER A 218 -9.39 -11.83 -14.64
CA SER A 218 -9.88 -11.39 -15.95
C SER A 218 -11.41 -11.45 -16.06
N VAL A 219 -11.93 -10.77 -17.07
CA VAL A 219 -13.36 -10.80 -17.37
C VAL A 219 -13.74 -12.12 -18.02
N LEU A 220 -12.98 -12.50 -19.04
CA LEU A 220 -13.23 -13.74 -19.79
C LEU A 220 -12.85 -14.97 -18.99
N GLY A 221 -13.49 -16.09 -19.27
CA GLY A 221 -13.27 -17.32 -18.53
C GLY A 221 -12.60 -18.42 -19.35
N SER A 222 -13.15 -19.63 -19.24
CA SER A 222 -12.57 -20.79 -19.89
C SER A 222 -12.81 -20.81 -21.40
N GLU A 223 -13.81 -20.06 -21.84
CA GLU A 223 -14.17 -20.00 -23.27
C GLU A 223 -13.03 -19.42 -24.09
N PRO A 224 -12.88 -19.88 -25.34
CA PRO A 224 -11.83 -19.36 -26.23
C PRO A 224 -12.05 -17.90 -26.60
N SER A 225 -10.96 -17.13 -26.68
CA SER A 225 -11.04 -15.72 -27.03
C SER A 225 -10.13 -15.40 -28.22
N LEU A 226 -10.16 -14.14 -28.66
CA LEU A 226 -9.35 -13.71 -29.81
C LEU A 226 -7.86 -13.74 -29.46
N ASP A 227 -7.54 -13.47 -28.20
CA ASP A 227 -6.16 -13.44 -27.74
C ASP A 227 -5.53 -14.83 -27.74
N SER A 228 -4.23 -14.89 -28.04
CA SER A 228 -3.50 -16.15 -28.02
C SER A 228 -2.41 -16.11 -26.96
N GLU A 229 -2.16 -14.92 -26.41
CA GLU A 229 -1.13 -14.71 -25.40
C GLU A 229 -1.38 -15.55 -24.15
N VAL A 230 -2.54 -15.36 -23.52
CA VAL A 230 -2.83 -16.02 -22.26
C VAL A 230 -3.61 -17.32 -22.44
N THR A 231 -4.30 -17.46 -23.57
CA THR A 231 -5.08 -18.67 -23.84
C THR A 231 -4.16 -19.84 -24.14
N SER A 232 -2.93 -19.54 -24.56
CA SER A 232 -1.92 -20.56 -24.79
C SER A 232 -1.41 -21.13 -23.46
N LYS A 233 -1.68 -20.41 -22.38
CA LYS A 233 -1.22 -20.81 -21.05
C LYS A 233 -2.34 -21.47 -20.25
N LEU A 234 -3.58 -21.28 -20.70
CA LEU A 234 -4.73 -21.85 -19.99
C LEU A 234 -4.82 -23.36 -20.16
N LYS A 235 -3.90 -24.07 -19.53
CA LYS A 235 -3.86 -25.53 -19.63
C LYS A 235 -3.29 -26.15 -18.37
N SER A 236 -3.23 -27.47 -18.34
CA SER A 236 -2.66 -28.20 -17.21
C SER A 236 -1.16 -28.34 -17.37
N TYR A 237 -0.45 -28.35 -16.25
CA TYR A 237 1.01 -28.47 -16.26
C TYR A 237 1.46 -29.55 -15.27
N GLU A 238 2.76 -29.84 -15.30
CA GLU A 238 3.36 -30.74 -14.33
C GLU A 238 4.75 -30.23 -13.96
N PHE A 239 4.83 -29.53 -12.83
CA PHE A 239 6.07 -28.88 -12.42
C PHE A 239 6.67 -29.57 -11.20
N ARG A 240 7.81 -30.24 -11.41
CA ARG A 240 8.52 -30.94 -10.35
C ARG A 240 7.63 -31.98 -9.65
N GLY A 241 6.81 -32.66 -10.43
CA GLY A 241 5.92 -33.68 -9.90
C GLY A 241 4.57 -33.12 -9.51
N SER A 242 4.54 -31.87 -9.09
CA SER A 242 3.30 -31.22 -8.66
C SER A 242 2.45 -30.78 -9.86
N PRO A 243 1.16 -31.15 -9.84
CA PRO A 243 0.20 -30.75 -10.87
C PRO A 243 -0.13 -29.25 -10.78
N PHE A 244 -0.11 -28.57 -11.93
CA PHE A 244 -0.41 -27.14 -11.96
C PHE A 244 -1.44 -26.80 -13.05
N GLN A 245 -2.49 -26.10 -12.65
CA GLN A 245 -3.54 -25.69 -13.58
C GLN A 245 -3.64 -24.17 -13.63
N VAL A 246 -3.49 -23.61 -14.82
CA VAL A 246 -3.58 -22.16 -15.00
C VAL A 246 -4.95 -21.76 -15.55
N THR A 247 -5.75 -21.11 -14.70
CA THR A 247 -7.08 -20.65 -15.09
C THR A 247 -7.21 -19.14 -14.98
N ARG A 248 -8.37 -18.63 -15.36
CA ARG A 248 -8.65 -17.20 -15.26
C ARG A 248 -10.12 -16.97 -14.92
N GLY A 249 -10.56 -15.72 -15.03
CA GLY A 249 -11.95 -15.38 -14.74
C GLY A 249 -12.15 -14.87 -13.32
N ASP A 250 -11.06 -14.51 -12.66
CA ASP A 250 -11.13 -14.00 -11.30
C ASP A 250 -11.67 -12.56 -11.28
N TYR A 251 -12.59 -12.30 -10.37
CA TYR A 251 -13.27 -11.00 -10.26
C TYR A 251 -13.87 -10.57 -11.59
N ALA A 252 -14.39 -11.53 -12.34
CA ALA A 252 -14.91 -11.25 -13.69
C ALA A 252 -16.07 -10.25 -13.72
N PRO A 253 -17.11 -10.46 -12.90
CA PRO A 253 -18.21 -9.49 -13.01
C PRO A 253 -17.84 -8.09 -12.54
N ILE A 254 -16.86 -8.00 -11.64
CA ILE A 254 -16.40 -6.72 -11.12
C ILE A 254 -15.53 -6.01 -12.15
N LEU A 255 -14.57 -6.73 -12.72
CA LEU A 255 -13.70 -6.17 -13.74
C LEU A 255 -14.51 -5.80 -14.99
N GLN A 256 -15.63 -6.49 -15.17
CA GLN A 256 -16.54 -6.18 -16.27
C GLN A 256 -17.11 -4.77 -16.11
N LYS A 257 -17.42 -4.40 -14.87
CA LYS A 257 -17.88 -3.05 -14.56
C LYS A 257 -16.77 -2.03 -14.86
N VAL A 258 -15.53 -2.42 -14.59
CA VAL A 258 -14.39 -1.54 -14.78
C VAL A 258 -14.17 -1.17 -16.25
N VAL A 259 -14.10 -2.17 -17.11
CA VAL A 259 -13.83 -1.93 -18.53
C VAL A 259 -14.95 -1.15 -19.19
N GLU A 260 -16.17 -1.24 -18.64
CA GLU A 260 -17.30 -0.47 -19.14
C GLU A 260 -17.08 1.02 -18.92
N GLN A 261 -16.44 1.37 -17.82
CA GLN A 261 -16.18 2.76 -17.49
C GLN A 261 -14.91 3.26 -18.16
N LEU A 262 -14.00 2.34 -18.48
CA LEU A 262 -12.76 2.68 -19.15
C LEU A 262 -13.01 2.97 -20.63
N GLU A 263 -13.96 2.26 -21.23
CA GLU A 263 -14.32 2.49 -22.62
C GLU A 263 -15.03 3.83 -22.79
N LYS A 264 -15.85 4.19 -21.80
CA LYS A 264 -16.53 5.48 -21.81
C LYS A 264 -15.53 6.61 -21.60
N ALA A 265 -14.50 6.34 -20.81
CA ALA A 265 -13.47 7.34 -20.53
C ALA A 265 -12.51 7.50 -21.70
N LYS A 266 -12.56 6.56 -22.64
CA LYS A 266 -11.71 6.60 -23.82
C LYS A 266 -12.15 7.72 -24.76
N ALA A 267 -13.46 7.99 -24.77
CA ALA A 267 -14.03 9.01 -25.64
C ALA A 267 -13.53 10.40 -25.26
N TYR A 268 -13.28 10.62 -23.98
CA TYR A 268 -12.87 11.94 -23.50
C TYR A 268 -11.38 11.99 -23.23
N ALA A 269 -10.62 11.12 -23.88
CA ALA A 269 -9.17 11.11 -23.75
C ALA A 269 -8.55 12.39 -24.31
N ALA A 270 -7.60 12.95 -23.58
CA ALA A 270 -6.96 14.20 -23.97
C ALA A 270 -6.14 14.04 -25.24
N ASN A 271 -5.54 12.86 -25.42
CA ASN A 271 -4.69 12.61 -26.58
C ASN A 271 -4.64 11.13 -26.95
N SER A 272 -3.85 10.81 -27.96
CA SER A 272 -3.75 9.44 -28.47
C SER A 272 -3.06 8.51 -27.49
N HIS A 273 -2.16 9.06 -26.66
CA HIS A 273 -1.46 8.26 -25.67
C HIS A 273 -2.43 7.71 -24.63
N GLN A 274 -3.34 8.55 -24.16
CA GLN A 274 -4.33 8.14 -23.17
C GLN A 274 -5.32 7.14 -23.75
N GLY A 275 -5.60 7.28 -25.05
CA GLY A 275 -6.50 6.37 -25.74
C GLY A 275 -5.91 4.98 -25.87
N GLN A 276 -4.64 4.91 -26.24
CA GLN A 276 -3.93 3.63 -26.35
C GLN A 276 -3.65 3.04 -24.98
N MET A 277 -3.44 3.92 -24.01
CA MET A 277 -3.21 3.52 -22.62
C MET A 277 -4.42 2.77 -22.06
N LEU A 278 -5.59 3.37 -22.21
CA LEU A 278 -6.83 2.77 -21.73
C LEU A 278 -7.17 1.52 -22.53
N ALA A 279 -6.78 1.49 -23.80
CA ALA A 279 -7.06 0.35 -24.66
C ALA A 279 -6.35 -0.91 -24.17
N GLN A 280 -5.12 -0.74 -23.68
CA GLN A 280 -4.33 -1.88 -23.21
C GLN A 280 -4.78 -2.33 -21.83
N TYR A 281 -5.27 -1.40 -21.01
CA TYR A 281 -5.80 -1.74 -19.71
C TYR A 281 -7.05 -2.61 -19.87
N ILE A 282 -7.86 -2.28 -20.86
CA ILE A 282 -9.06 -3.04 -21.17
C ILE A 282 -8.70 -4.46 -21.58
N GLU A 283 -7.69 -4.58 -22.43
CA GLU A 283 -7.23 -5.89 -22.89
C GLU A 283 -6.61 -6.67 -21.74
N SER A 284 -6.00 -5.95 -20.81
CA SER A 284 -5.36 -6.56 -19.66
C SER A 284 -6.37 -7.12 -18.66
N PHE A 285 -7.48 -6.40 -18.48
CA PHE A 285 -8.49 -6.78 -17.50
C PHE A 285 -9.51 -7.77 -18.06
N THR A 286 -9.61 -7.86 -19.38
CA THR A 286 -10.54 -8.79 -20.01
C THR A 286 -9.88 -10.15 -20.31
N GLN A 287 -8.63 -10.12 -20.74
CA GLN A 287 -7.91 -11.35 -21.06
C GLN A 287 -7.18 -11.90 -19.84
N GLY A 288 -6.56 -11.02 -19.07
CA GLY A 288 -5.76 -11.44 -17.93
C GLY A 288 -4.28 -11.36 -18.25
N SER A 289 -3.91 -10.38 -19.08
CA SER A 289 -2.54 -10.24 -19.53
C SER A 289 -1.81 -9.10 -18.82
N ILE A 290 -0.76 -9.44 -18.08
CA ILE A 290 0.09 -8.43 -17.47
C ILE A 290 0.89 -7.70 -18.54
N GLU A 291 1.32 -8.44 -19.56
CA GLU A 291 2.03 -7.86 -20.68
C GLU A 291 1.25 -6.72 -21.32
N ALA A 292 -0.05 -6.92 -21.48
CA ALA A 292 -0.94 -5.89 -22.00
C ALA A 292 -0.93 -4.68 -21.09
N HIS A 293 -0.94 -4.93 -19.78
CA HIS A 293 -0.91 -3.86 -18.79
C HIS A 293 0.44 -3.13 -18.82
N LYS A 294 1.49 -3.85 -19.17
CA LYS A 294 2.82 -3.27 -19.28
C LYS A 294 2.92 -2.39 -20.53
N ARG A 295 2.25 -2.80 -21.59
CA ARG A 295 2.21 -2.01 -22.82
C ARG A 295 1.38 -0.75 -22.62
N GLY A 296 0.37 -0.84 -21.76
CA GLY A 296 -0.45 0.30 -21.41
C GLY A 296 0.30 1.25 -20.49
N SER A 297 1.05 0.68 -19.55
CA SER A 297 1.88 1.48 -18.65
C SER A 297 3.00 2.17 -19.42
N ARG A 298 3.43 1.53 -20.51
CA ARG A 298 4.47 2.10 -21.37
C ARG A 298 3.97 3.40 -22.01
N PHE A 299 2.71 3.38 -22.45
CA PHE A 299 2.10 4.56 -23.05
C PHE A 299 1.81 5.63 -21.99
N TRP A 300 1.54 5.17 -20.77
CA TRP A 300 1.21 6.09 -19.68
C TRP A 300 2.39 6.98 -19.30
N ILE A 301 3.59 6.40 -19.33
CA ILE A 301 4.80 7.16 -19.03
C ILE A 301 5.06 8.18 -20.12
N GLN A 302 4.69 7.85 -21.35
CA GLN A 302 4.89 8.74 -22.49
C GLN A 302 3.97 9.96 -22.41
N ASP A 303 2.82 9.81 -21.76
CA ASP A 303 1.92 10.92 -21.54
C ASP A 303 2.44 11.80 -20.40
N LYS A 304 3.28 12.76 -20.73
CA LYS A 304 3.94 13.57 -19.72
C LYS A 304 3.17 14.87 -19.43
N GLY A 305 3.06 15.19 -18.15
CA GLY A 305 2.34 16.38 -17.70
C GLY A 305 0.89 16.47 -18.13
N PRO A 306 0.04 15.53 -17.66
CA PRO A 306 -1.39 15.66 -17.97
C PRO A 306 -2.10 16.50 -16.93
N ILE A 307 -3.34 16.90 -17.21
CA ILE A 307 -4.12 17.67 -16.26
C ILE A 307 -4.86 16.71 -15.33
N VAL A 308 -5.37 15.62 -15.90
CA VAL A 308 -6.00 14.56 -15.12
C VAL A 308 -5.12 13.32 -15.12
N GLU A 309 -4.33 13.16 -14.07
CA GLU A 309 -3.42 12.02 -13.94
C GLU A 309 -4.13 10.82 -13.31
N SER A 310 -3.84 9.63 -13.82
CA SER A 310 -4.51 8.42 -13.33
C SER A 310 -3.69 7.17 -13.57
N TYR A 311 -3.95 6.13 -12.77
CA TYR A 311 -3.33 4.83 -12.93
C TYR A 311 -4.20 3.78 -12.23
N ILE A 312 -4.29 2.59 -12.82
CA ILE A 312 -5.19 1.56 -12.30
C ILE A 312 -4.64 0.15 -12.53
N GLY A 313 -5.07 -0.80 -11.70
CA GLY A 313 -4.68 -2.19 -11.85
C GLY A 313 -4.12 -2.80 -10.59
N PHE A 314 -3.68 -4.05 -10.68
CA PHE A 314 -3.00 -4.72 -9.58
C PHE A 314 -1.55 -4.23 -9.51
N ILE A 315 -1.28 -3.30 -8.61
CA ILE A 315 0.01 -2.61 -8.60
C ILE A 315 0.91 -3.05 -7.46
N GLU A 316 0.64 -2.51 -6.25
CA GLU A 316 1.50 -2.76 -5.11
C GLU A 316 1.37 -4.18 -4.57
N SER A 317 2.45 -4.69 -3.99
CA SER A 317 2.46 -6.05 -3.45
C SER A 317 2.90 -6.05 -1.99
N TYR A 318 2.11 -5.41 -1.13
CA TYR A 318 2.44 -5.34 0.29
C TYR A 318 1.66 -6.37 1.11
N ARG A 319 0.38 -6.55 0.78
CA ARG A 319 -0.49 -7.38 1.59
C ARG A 319 -0.37 -8.86 1.25
N ASP A 320 0.37 -9.17 0.19
CA ASP A 320 0.69 -10.55 -0.13
C ASP A 320 1.77 -11.05 0.83
N PRO A 321 1.42 -12.07 1.65
CA PRO A 321 2.36 -12.62 2.63
C PRO A 321 3.65 -13.15 2.01
N PHE A 322 3.59 -13.54 0.73
CA PHE A 322 4.77 -13.94 -0.01
C PHE A 322 5.45 -12.72 -0.64
N GLY A 323 4.64 -11.79 -1.13
CA GLY A 323 5.14 -10.51 -1.60
C GLY A 323 5.38 -10.38 -3.09
N SER A 324 4.55 -11.03 -3.90
CA SER A 324 4.67 -10.91 -5.35
C SER A 324 3.31 -10.65 -6.00
N ARG A 325 2.25 -10.92 -5.26
CA ARG A 325 0.89 -10.72 -5.78
C ARG A 325 0.39 -9.31 -5.47
N GLY A 326 -0.24 -8.69 -6.47
CA GLY A 326 -0.65 -7.31 -6.34
C GLY A 326 -2.09 -7.14 -5.88
N GLU A 327 -2.32 -6.05 -5.15
CA GLU A 327 -3.66 -5.69 -4.72
C GLU A 327 -4.23 -4.63 -5.66
N PHE A 328 -5.53 -4.69 -5.93
CA PHE A 328 -6.12 -3.74 -6.86
C PHE A 328 -6.24 -2.35 -6.25
N GLU A 329 -5.78 -1.36 -6.99
CA GLU A 329 -5.95 0.03 -6.63
C GLU A 329 -6.20 0.86 -7.89
N GLY A 330 -6.40 2.16 -7.71
CA GLY A 330 -6.66 3.03 -8.83
C GLY A 330 -6.98 4.43 -8.34
N PHE A 331 -6.40 5.43 -8.99
CA PHE A 331 -6.63 6.81 -8.56
C PHE A 331 -6.84 7.77 -9.71
N VAL A 332 -7.54 8.85 -9.42
CA VAL A 332 -7.71 9.97 -10.34
C VAL A 332 -7.35 11.26 -9.62
N ALA A 333 -6.48 12.06 -10.22
CA ALA A 333 -6.01 13.27 -9.56
C ALA A 333 -5.81 14.43 -10.53
N VAL A 334 -5.82 15.65 -10.00
CA VAL A 334 -5.61 16.85 -10.79
C VAL A 334 -4.25 17.46 -10.47
N VAL A 335 -3.48 17.77 -11.52
CA VAL A 335 -2.15 18.33 -11.35
C VAL A 335 -2.21 19.70 -10.65
N ASN A 336 -1.25 19.94 -9.76
CA ASN A 336 -1.16 21.20 -9.04
C ASN A 336 0.15 21.92 -9.36
N LYS A 337 0.07 22.88 -10.28
CA LYS A 337 1.25 23.57 -10.80
C LYS A 337 2.10 24.24 -9.71
N ALA A 338 1.43 24.76 -8.68
CA ALA A 338 2.11 25.46 -7.61
C ALA A 338 3.05 24.55 -6.83
N MET A 339 2.50 23.48 -6.29
CA MET A 339 3.27 22.56 -5.45
C MET A 339 4.19 21.66 -6.28
N SER A 340 3.95 21.60 -7.58
CA SER A 340 4.77 20.78 -8.47
C SER A 340 6.04 21.50 -8.90
N ALA A 341 6.08 22.81 -8.68
CA ALA A 341 7.21 23.62 -9.09
C ALA A 341 8.50 23.19 -8.39
N LYS A 342 8.41 22.88 -7.10
CA LYS A 342 9.58 22.52 -6.31
C LYS A 342 10.15 21.16 -6.69
N PHE A 343 9.28 20.23 -7.08
CA PHE A 343 9.73 18.89 -7.43
C PHE A 343 10.36 18.85 -8.82
N GLU A 344 10.00 19.79 -9.68
CA GLU A 344 10.54 19.86 -11.02
C GLU A 344 12.00 20.34 -11.00
N ARG A 345 12.33 21.19 -10.03
CA ARG A 345 13.70 21.67 -9.88
C ARG A 345 14.62 20.55 -9.42
N LEU A 346 14.07 19.67 -8.57
CA LEU A 346 14.82 18.52 -8.07
C LEU A 346 15.13 17.55 -9.20
N VAL A 347 14.22 17.47 -10.17
CA VAL A 347 14.42 16.62 -11.34
C VAL A 347 15.53 17.17 -12.24
N ALA A 348 15.60 18.50 -12.31
CA ALA A 348 16.60 19.16 -13.13
C ALA A 348 18.02 18.84 -12.68
N SER A 349 18.20 18.71 -11.37
CA SER A 349 19.52 18.40 -10.81
C SER A 349 19.57 16.99 -10.22
N ALA A 350 18.68 16.13 -10.69
CA ALA A 350 18.61 14.75 -10.21
C ALA A 350 19.84 13.95 -10.63
N GLU A 351 20.23 14.10 -11.89
CA GLU A 351 21.40 13.42 -12.42
C GLU A 351 22.66 13.78 -11.64
N GLN A 352 22.73 15.02 -11.19
CA GLN A 352 23.85 15.51 -10.42
C GLN A 352 23.92 14.86 -9.04
N LEU A 353 22.76 14.70 -8.41
CA LEU A 353 22.69 14.20 -7.05
C LEU A 353 22.94 12.69 -6.96
N LEU A 354 22.76 11.98 -8.08
CA LEU A 354 22.96 10.54 -8.10
C LEU A 354 24.41 10.17 -7.86
N LYS A 355 25.33 11.05 -8.25
CA LYS A 355 26.76 10.81 -8.08
C LYS A 355 27.15 10.84 -6.60
N GLU A 356 26.34 11.53 -5.80
CA GLU A 356 26.63 11.69 -4.38
C GLU A 356 26.34 10.41 -3.60
N LEU A 357 25.66 9.47 -4.24
CA LEU A 357 25.29 8.21 -3.61
C LEU A 357 26.51 7.32 -3.38
N PRO A 358 26.55 6.63 -2.23
CA PRO A 358 27.72 5.86 -1.77
C PRO A 358 27.95 4.54 -2.50
N TRP A 359 27.91 4.55 -3.83
CA TRP A 359 28.27 3.37 -4.61
C TRP A 359 28.72 3.77 -6.01
N PRO A 360 29.73 3.05 -6.55
CA PRO A 360 30.30 3.29 -7.88
C PRO A 360 29.25 3.39 -8.98
N PRO A 361 29.56 4.14 -10.05
CA PRO A 361 28.64 4.34 -11.18
C PRO A 361 28.36 3.06 -11.97
N THR A 362 29.06 1.99 -11.63
CA THR A 362 28.85 0.69 -12.26
C THR A 362 27.61 0.01 -11.69
N PHE A 363 27.11 0.54 -10.59
CA PHE A 363 25.91 0.01 -9.94
C PHE A 363 24.73 0.96 -10.10
N GLU A 364 24.89 1.92 -11.01
CA GLU A 364 23.82 2.86 -11.32
C GLU A 364 23.31 2.61 -12.74
N LYS A 365 22.12 3.10 -13.05
CA LYS A 365 21.52 2.93 -14.37
C LYS A 365 22.44 3.43 -15.48
N ASP A 366 22.40 2.74 -16.62
CA ASP A 366 23.20 3.13 -17.78
C ASP A 366 22.83 4.54 -18.25
N LYS A 367 21.59 4.70 -18.67
CA LYS A 367 21.08 6.00 -19.10
C LYS A 367 20.22 6.64 -18.03
N PHE A 368 20.39 7.95 -17.84
CA PHE A 368 19.52 8.70 -16.96
C PHE A 368 18.30 9.18 -17.73
N LEU A 369 17.16 8.52 -17.51
CA LEU A 369 15.93 8.89 -18.17
C LEU A 369 15.23 9.97 -17.36
N THR A 370 14.94 11.10 -18.02
CA THR A 370 14.31 12.24 -17.36
C THR A 370 12.93 11.88 -16.82
N PRO A 371 12.79 11.84 -15.48
CA PRO A 371 11.54 11.45 -14.83
C PRO A 371 10.58 12.62 -14.67
N ASP A 372 9.31 12.34 -14.49
CA ASP A 372 8.32 13.41 -14.28
C ASP A 372 7.80 13.38 -12.84
N PHE A 373 8.08 14.45 -12.11
CA PHE A 373 7.64 14.57 -10.73
C PHE A 373 6.57 15.65 -10.62
N THR A 374 5.36 15.25 -10.24
CA THR A 374 4.26 16.21 -10.11
C THR A 374 3.56 16.08 -8.76
N SER A 375 3.01 17.18 -8.28
CA SER A 375 2.17 17.18 -7.09
C SER A 375 0.71 17.19 -7.50
N LEU A 376 -0.06 16.23 -6.99
CA LEU A 376 -1.43 16.04 -7.44
C LEU A 376 -2.45 16.23 -6.33
N ASP A 377 -3.67 16.62 -6.70
CA ASP A 377 -4.79 16.70 -5.77
C ASP A 377 -5.76 15.55 -6.05
N VAL A 378 -5.84 14.61 -5.12
CA VAL A 378 -6.62 13.40 -5.32
C VAL A 378 -8.13 13.64 -5.33
N LEU A 379 -8.78 13.17 -6.39
CA LEU A 379 -10.24 13.16 -6.46
C LEU A 379 -10.76 11.80 -6.03
N THR A 380 -9.97 10.77 -6.32
CA THR A 380 -10.37 9.39 -6.06
C THR A 380 -9.15 8.53 -5.80
N PHE A 381 -9.20 7.69 -4.77
CA PHE A 381 -8.16 6.70 -4.54
C PHE A 381 -8.77 5.44 -3.94
N ALA A 382 -9.25 4.56 -4.82
CA ALA A 382 -9.87 3.31 -4.38
C ALA A 382 -8.81 2.33 -3.89
N GLY A 383 -9.23 1.37 -3.09
CA GLY A 383 -8.31 0.37 -2.54
C GLY A 383 -8.31 0.36 -1.02
N SER A 384 -7.25 -0.20 -0.46
CA SER A 384 -7.16 -0.40 0.99
C SER A 384 -6.78 0.88 1.73
N GLY A 385 -6.05 1.78 1.05
CA GLY A 385 -5.63 3.01 1.69
C GLY A 385 -5.10 4.07 0.73
N ILE A 386 -4.65 5.18 1.30
CA ILE A 386 -4.07 6.28 0.53
C ILE A 386 -2.67 6.61 1.00
N PRO A 387 -1.67 6.44 0.12
CA PRO A 387 -0.29 6.80 0.44
C PRO A 387 -0.06 8.30 0.37
N ALA A 388 1.18 8.74 0.59
CA ALA A 388 1.52 10.15 0.49
C ALA A 388 2.27 10.42 -0.82
N GLY A 389 2.98 9.40 -1.28
CA GLY A 389 3.72 9.49 -2.53
C GLY A 389 3.88 8.13 -3.18
N ILE A 390 3.97 8.10 -4.51
CA ILE A 390 4.12 6.84 -5.23
C ILE A 390 5.14 6.95 -6.36
N ASN A 391 5.89 5.86 -6.58
CA ASN A 391 6.84 5.78 -7.69
C ASN A 391 6.43 4.66 -8.65
N ILE A 392 5.56 4.99 -9.59
CA ILE A 392 5.00 3.99 -10.50
C ILE A 392 5.50 4.20 -11.93
N PRO A 393 5.52 3.13 -12.76
CA PRO A 393 5.11 1.75 -12.49
C PRO A 393 6.14 0.94 -11.73
N ASN A 394 5.75 -0.25 -11.28
CA ASN A 394 6.64 -1.12 -10.51
C ASN A 394 7.47 -2.06 -11.37
N TYR A 395 7.15 -2.11 -12.66
CA TYR A 395 7.86 -2.99 -13.59
C TYR A 395 9.32 -2.57 -13.76
N ASP A 396 10.22 -3.45 -13.32
CA ASP A 396 11.66 -3.14 -13.30
C ASP A 396 12.23 -2.88 -14.68
N ASP A 397 11.70 -3.59 -15.69
CA ASP A 397 12.19 -3.43 -17.06
C ASP A 397 11.82 -2.05 -17.62
N LEU A 398 10.61 -1.59 -17.31
CA LEU A 398 10.15 -0.30 -17.80
C LEU A 398 10.94 0.86 -17.20
N ARG A 399 11.38 0.70 -15.96
CA ARG A 399 12.12 1.76 -15.27
C ARG A 399 13.54 1.92 -15.79
N GLN A 400 14.01 0.93 -16.55
CA GLN A 400 15.39 0.93 -17.02
C GLN A 400 15.53 1.21 -18.52
N THR A 401 14.40 1.36 -19.21
CA THR A 401 14.43 1.61 -20.65
C THR A 401 13.40 2.63 -21.09
N GLU A 402 12.36 2.84 -20.28
CA GLU A 402 11.28 3.76 -20.63
C GLU A 402 11.24 4.94 -19.68
N GLY A 403 11.32 4.65 -18.38
CA GLY A 403 11.26 5.68 -17.36
C GLY A 403 10.17 5.40 -16.34
N PHE A 404 9.84 6.41 -15.55
CA PHE A 404 8.82 6.27 -14.52
C PHE A 404 8.25 7.61 -14.12
N LYS A 405 7.21 7.60 -13.29
CA LYS A 405 6.58 8.84 -12.83
C LYS A 405 6.55 8.94 -11.32
N ASN A 406 6.95 10.08 -10.80
CA ASN A 406 6.89 10.34 -9.37
C ASN A 406 5.71 11.24 -9.04
N VAL A 407 4.94 10.87 -8.02
CA VAL A 407 3.73 11.59 -7.67
C VAL A 407 3.68 11.94 -6.18
N SER A 408 3.40 13.20 -5.88
CA SER A 408 3.19 13.64 -4.51
C SER A 408 1.75 14.08 -4.30
N LEU A 409 1.01 13.31 -3.50
CA LEU A 409 -0.39 13.61 -3.25
C LEU A 409 -0.55 14.82 -2.35
N GLY A 410 -0.80 15.98 -2.95
CA GLY A 410 -0.81 17.25 -2.24
C GLY A 410 -1.84 17.41 -1.13
N ASN A 411 -3.12 17.21 -1.47
CA ASN A 411 -4.19 17.44 -0.51
C ASN A 411 -4.28 16.34 0.55
N VAL A 412 -3.43 15.32 0.43
CA VAL A 412 -3.35 14.27 1.42
C VAL A 412 -2.32 14.64 2.49
N LEU A 413 -1.30 15.39 2.08
CA LEU A 413 -0.27 15.87 3.01
C LEU A 413 -0.85 16.87 3.99
N ALA A 414 -1.80 17.67 3.52
CA ALA A 414 -2.46 18.67 4.37
C ALA A 414 -3.23 17.99 5.49
N VAL A 415 -3.74 16.80 5.23
CA VAL A 415 -4.46 16.02 6.22
C VAL A 415 -3.51 15.55 7.32
N ALA A 416 -2.33 15.09 6.92
CA ALA A 416 -1.33 14.59 7.87
C ALA A 416 -0.76 15.69 8.74
N TYR A 417 -0.68 16.91 8.19
CA TYR A 417 -0.14 18.05 8.92
C TYR A 417 -1.11 18.57 9.97
N ALA A 418 -1.39 17.75 10.98
CA ALA A 418 -2.31 18.13 12.05
C ALA A 418 -2.04 17.32 13.31
N THR A 419 -1.48 17.97 14.32
CA THR A 419 -1.16 17.29 15.57
C THR A 419 -1.00 18.27 16.74
N GLN A 420 -1.61 17.93 17.87
CA GLN A 420 -1.41 18.67 19.11
C GLN A 420 -0.19 18.09 19.83
N ARG A 421 0.49 18.92 20.61
CA ARG A 421 1.72 18.50 21.27
C ARG A 421 1.46 17.59 22.46
N GLU A 422 0.20 17.26 22.70
CA GLU A 422 -0.17 16.34 23.77
C GLU A 422 0.13 14.90 23.38
N LYS A 423 -0.12 14.56 22.12
CA LYS A 423 0.03 13.19 21.65
C LYS A 423 1.39 12.93 21.00
N LEU A 424 2.23 13.95 20.94
CA LEU A 424 3.60 13.78 20.44
C LEU A 424 4.44 13.05 21.47
N THR A 425 4.27 11.73 21.53
CA THR A 425 4.92 10.92 22.56
C THR A 425 6.39 10.66 22.29
N PHE A 426 7.10 10.21 23.32
CA PHE A 426 8.50 9.82 23.23
C PHE A 426 9.42 10.96 22.80
N LEU A 427 9.01 12.19 23.14
CA LEU A 427 9.81 13.37 22.84
C LEU A 427 9.83 14.33 24.03
N GLU A 428 10.99 14.95 24.27
CA GLU A 428 11.10 15.97 25.29
C GLU A 428 10.35 17.22 24.84
N GLU A 429 9.88 18.01 25.80
CA GLU A 429 9.10 19.21 25.48
C GLU A 429 9.93 20.24 24.71
N ASP A 430 11.26 20.14 24.85
CA ASP A 430 12.16 21.01 24.11
C ASP A 430 12.16 20.67 22.63
N ASP A 431 12.10 19.38 22.32
CA ASP A 431 12.10 18.91 20.94
C ASP A 431 10.70 18.88 20.35
N LYS A 432 9.68 18.99 21.19
CA LYS A 432 8.29 18.99 20.74
C LYS A 432 8.00 20.21 19.86
N ASP A 433 8.47 21.38 20.31
CA ASP A 433 8.25 22.62 19.58
C ASP A 433 8.98 22.61 18.24
N LEU A 434 10.22 22.13 18.24
CA LEU A 434 11.00 22.04 17.01
C LEU A 434 10.37 21.09 16.01
N TYR A 435 9.70 20.06 16.53
CA TYR A 435 9.03 19.08 15.70
C TYR A 435 7.88 19.71 14.92
N ILE A 436 6.96 20.33 15.65
CA ILE A 436 5.76 20.94 15.08
C ILE A 436 6.08 22.00 14.01
N LEU A 437 7.11 22.79 14.27
CA LEU A 437 7.46 23.90 13.40
C LEU A 437 8.08 23.45 12.08
N TRP A 438 8.64 22.24 12.05
CA TRP A 438 9.40 21.80 10.87
C TRP A 438 8.96 20.45 10.29
N LYS A 439 8.12 19.72 11.01
CA LYS A 439 7.67 18.40 10.54
C LYS A 439 6.99 18.50 9.18
N GLY A 440 6.21 19.56 8.99
CA GLY A 440 5.54 19.81 7.72
C GLY A 440 6.50 19.97 6.56
N PRO A 441 7.26 21.08 6.54
CA PRO A 441 8.21 21.39 5.46
C PRO A 441 9.26 20.30 5.21
N SER A 442 9.76 19.68 6.27
CA SER A 442 10.81 18.67 6.14
C SER A 442 10.26 17.37 5.54
N PHE A 443 8.95 17.20 5.62
CA PHE A 443 8.31 16.00 5.07
C PHE A 443 8.35 16.04 3.55
N ASP A 444 8.23 17.23 2.97
CA ASP A 444 8.28 17.40 1.52
C ASP A 444 9.65 17.01 0.98
N VAL A 445 10.69 17.31 1.74
CA VAL A 445 12.05 16.97 1.36
C VAL A 445 12.24 15.46 1.32
N GLN A 446 11.77 14.79 2.38
CA GLN A 446 11.91 13.35 2.50
C GLN A 446 11.16 12.61 1.39
N VAL A 447 9.99 13.12 1.03
CA VAL A 447 9.16 12.52 -0.02
C VAL A 447 9.86 12.54 -1.37
N GLY A 448 10.42 13.69 -1.72
CA GLY A 448 11.08 13.86 -3.00
C GLY A 448 12.26 12.92 -3.20
N LEU A 449 13.11 12.81 -2.18
CA LEU A 449 14.30 11.97 -2.26
C LEU A 449 13.93 10.49 -2.23
N HIS A 450 12.88 10.16 -1.49
CA HIS A 450 12.41 8.78 -1.37
C HIS A 450 11.97 8.23 -2.72
N ALA A 451 11.37 9.08 -3.54
CA ALA A 451 10.83 8.65 -4.83
C ALA A 451 11.84 8.84 -5.95
N LEU A 452 12.32 10.07 -6.12
CA LEU A 452 13.18 10.40 -7.24
C LEU A 452 14.57 9.78 -7.12
N LEU A 453 15.20 9.94 -5.96
CA LEU A 453 16.57 9.47 -5.77
C LEU A 453 16.63 8.17 -4.98
N GLY A 454 15.50 7.79 -4.39
CA GLY A 454 15.43 6.55 -3.63
C GLY A 454 15.02 5.38 -4.52
N HIS A 455 13.74 5.33 -4.85
CA HIS A 455 13.22 4.27 -5.71
C HIS A 455 13.73 4.41 -7.14
N GLY A 456 14.14 5.62 -7.49
CA GLY A 456 14.56 5.92 -8.86
C GLY A 456 15.98 5.50 -9.18
N SER A 457 16.78 5.23 -8.14
CA SER A 457 18.16 4.82 -8.33
C SER A 457 18.31 3.31 -8.18
N GLY A 458 19.29 2.74 -8.88
CA GLY A 458 19.56 1.32 -8.78
C GLY A 458 19.71 0.63 -10.12
N LYS A 459 20.76 -0.17 -10.24
CA LYS A 459 20.99 -0.96 -11.45
C LYS A 459 20.98 -2.45 -11.11
N LEU A 460 20.10 -3.20 -11.78
CA LEU A 460 20.00 -4.63 -11.53
C LEU A 460 20.77 -5.42 -12.59
N PHE A 461 21.74 -6.22 -12.14
CA PHE A 461 22.56 -7.02 -13.03
C PHE A 461 21.78 -8.23 -13.56
N VAL A 462 21.54 -8.25 -14.87
CA VAL A 462 20.75 -9.31 -15.48
C VAL A 462 21.53 -10.03 -16.58
N GLN A 463 21.48 -11.36 -16.56
CA GLN A 463 22.09 -12.16 -17.61
C GLN A 463 21.01 -12.59 -18.61
N ASP A 464 21.31 -12.48 -19.90
CA ASP A 464 20.36 -12.80 -20.95
C ASP A 464 20.11 -14.31 -21.02
N GLU A 465 19.32 -14.73 -22.00
CA GLU A 465 19.07 -16.15 -22.21
C GLU A 465 20.39 -16.84 -22.55
N LYS A 466 21.18 -16.17 -23.40
CA LYS A 466 22.54 -16.59 -23.69
C LYS A 466 23.43 -16.03 -22.59
N GLY A 467 24.69 -16.46 -22.56
CA GLY A 467 25.64 -15.95 -21.58
C GLY A 467 26.03 -14.50 -21.82
N ALA A 468 25.04 -13.62 -21.84
CA ALA A 468 25.29 -12.20 -22.09
C ALA A 468 24.75 -11.31 -20.97
N PHE A 469 25.65 -10.55 -20.35
CA PHE A 469 25.27 -9.67 -19.25
C PHE A 469 25.01 -8.25 -19.73
N ASN A 470 24.24 -7.49 -18.96
CA ASN A 470 23.96 -6.10 -19.28
C ASN A 470 25.00 -5.17 -18.65
N PHE A 471 26.15 -5.73 -18.32
CA PHE A 471 27.25 -4.98 -17.74
C PHE A 471 28.59 -5.63 -18.09
N ASP A 472 29.68 -5.02 -17.67
CA ASP A 472 31.01 -5.52 -17.99
C ASP A 472 31.58 -6.31 -16.83
N GLN A 473 31.40 -7.63 -16.86
CA GLN A 473 31.90 -8.52 -15.81
C GLN A 473 33.41 -8.41 -15.62
N GLU A 474 34.11 -8.14 -16.72
CA GLU A 474 35.56 -8.09 -16.71
C GLU A 474 36.11 -6.90 -15.94
N THR A 475 35.32 -5.85 -15.79
CA THR A 475 35.80 -4.61 -15.19
C THR A 475 34.99 -4.14 -13.99
N VAL A 476 33.82 -4.74 -13.76
CA VAL A 476 33.00 -4.37 -12.61
C VAL A 476 33.46 -5.11 -11.36
N ILE A 477 33.86 -4.35 -10.34
CA ILE A 477 34.39 -4.92 -9.11
C ILE A 477 33.46 -4.63 -7.92
N ASN A 478 33.21 -5.66 -7.13
CA ASN A 478 32.41 -5.52 -5.91
C ASN A 478 33.14 -4.71 -4.85
N PRO A 479 32.60 -3.54 -4.49
CA PRO A 479 33.25 -2.61 -3.55
C PRO A 479 33.36 -3.14 -2.13
N GLU A 480 32.63 -4.21 -1.80
CA GLU A 480 32.65 -4.77 -0.45
C GLU A 480 33.64 -5.93 -0.32
N THR A 481 33.70 -6.77 -1.34
CA THR A 481 34.57 -7.94 -1.31
C THR A 481 35.89 -7.67 -2.04
N GLY A 482 35.80 -6.90 -3.12
CA GLY A 482 36.97 -6.59 -3.93
C GLY A 482 37.07 -7.47 -5.16
N GLU A 483 36.22 -8.50 -5.20
CA GLU A 483 36.22 -9.46 -6.30
C GLU A 483 35.32 -9.00 -7.45
N GLN A 484 35.19 -9.84 -8.46
CA GLN A 484 34.28 -9.56 -9.57
C GLN A 484 32.91 -10.17 -9.28
N ILE A 485 31.90 -9.73 -10.02
CA ILE A 485 30.53 -10.16 -9.79
C ILE A 485 30.34 -11.64 -10.11
N GLN A 486 29.74 -12.37 -9.18
CA GLN A 486 29.52 -13.80 -9.35
C GLN A 486 28.05 -14.18 -9.10
N SER A 487 27.18 -13.18 -9.07
CA SER A 487 25.76 -13.41 -8.85
C SER A 487 24.92 -12.32 -9.54
N TRP A 488 23.79 -12.73 -10.11
CA TRP A 488 22.97 -11.80 -10.90
C TRP A 488 21.53 -12.29 -11.03
N TYR A 489 20.71 -11.49 -11.73
CA TYR A 489 19.34 -11.88 -12.02
C TYR A 489 19.26 -12.60 -13.36
N ARG A 490 18.38 -13.58 -13.45
CA ARG A 490 18.19 -14.34 -14.69
C ARG A 490 16.90 -13.93 -15.39
N CYS A 491 16.50 -14.69 -16.40
CA CYS A 491 15.29 -14.39 -17.14
C CYS A 491 14.04 -14.79 -16.36
N GLY A 492 13.13 -13.83 -16.19
CA GLY A 492 11.90 -14.07 -15.47
C GLY A 492 11.99 -13.66 -14.02
N GLU A 493 13.20 -13.67 -13.48
CA GLU A 493 13.43 -13.29 -12.09
C GLU A 493 13.31 -11.78 -11.90
N THR A 494 12.42 -11.37 -11.00
CA THR A 494 12.24 -9.96 -10.68
C THR A 494 12.70 -9.69 -9.24
N TRP A 495 12.57 -8.45 -8.80
CA TRP A 495 12.95 -8.08 -7.45
C TRP A 495 12.12 -8.81 -6.41
N ASP A 496 10.80 -8.81 -6.62
CA ASP A 496 9.88 -9.48 -5.71
C ASP A 496 10.01 -11.00 -5.78
N SER A 497 10.60 -11.49 -6.86
CA SER A 497 10.73 -12.93 -7.08
C SER A 497 11.73 -13.58 -6.13
N LYS A 498 12.86 -12.91 -5.89
CA LYS A 498 13.94 -13.50 -5.12
C LYS A 498 13.87 -13.14 -3.64
N PHE A 499 13.69 -11.87 -3.32
CA PHE A 499 13.69 -11.42 -1.94
C PHE A 499 12.32 -11.60 -1.29
N SER A 500 11.27 -11.59 -2.10
CA SER A 500 9.91 -11.92 -1.68
C SER A 500 9.45 -11.26 -0.38
N THR A 501 9.52 -12.00 0.71
CA THR A 501 8.94 -11.58 1.99
C THR A 501 9.61 -10.34 2.59
N ILE A 502 10.80 -9.99 2.09
CA ILE A 502 11.48 -8.80 2.58
C ILE A 502 11.65 -7.76 1.48
N ALA A 503 11.29 -8.14 0.25
CA ALA A 503 11.49 -7.28 -0.92
C ALA A 503 10.91 -5.89 -0.75
N SER A 504 9.68 -5.80 -0.24
CA SER A 504 9.03 -4.51 -0.04
C SER A 504 9.75 -3.68 1.00
N SER A 505 9.96 -4.25 2.19
CA SER A 505 10.56 -3.53 3.30
C SER A 505 12.03 -3.19 3.02
N TYR A 506 12.73 -4.08 2.32
CA TYR A 506 14.13 -3.87 1.96
C TYR A 506 14.29 -2.62 1.10
N GLU A 507 13.42 -2.48 0.10
CA GLU A 507 13.50 -1.37 -0.85
C GLU A 507 13.09 -0.04 -0.22
N GLU A 508 12.07 -0.08 0.64
CA GLU A 508 11.63 1.14 1.31
C GLU A 508 12.72 1.63 2.26
N CYS A 509 13.49 0.71 2.83
CA CYS A 509 14.59 1.05 3.71
C CYS A 509 15.75 1.65 2.94
N ARG A 510 16.00 1.11 1.75
CA ARG A 510 17.07 1.61 0.90
C ARG A 510 16.71 3.00 0.38
N ALA A 511 15.41 3.27 0.27
CA ALA A 511 14.93 4.55 -0.21
C ALA A 511 14.91 5.59 0.92
N GLU A 512 14.47 5.17 2.10
CA GLU A 512 14.44 6.06 3.27
C GLU A 512 15.84 6.49 3.66
N SER A 513 16.81 5.60 3.47
CA SER A 513 18.20 5.89 3.80
C SER A 513 18.79 6.95 2.87
N VAL A 514 18.43 6.87 1.59
CA VAL A 514 18.82 7.88 0.62
C VAL A 514 18.25 9.24 1.00
N GLY A 515 17.01 9.23 1.50
CA GLY A 515 16.36 10.45 1.95
C GLY A 515 17.10 11.14 3.08
N LEU A 516 17.54 10.36 4.06
CA LEU A 516 18.31 10.90 5.18
C LEU A 516 19.72 11.31 4.75
N TYR A 517 20.30 10.53 3.85
CA TYR A 517 21.68 10.76 3.42
C TYR A 517 21.82 12.02 2.59
N LEU A 518 20.84 12.27 1.73
CA LEU A 518 20.92 13.41 0.81
C LEU A 518 20.17 14.64 1.34
N SER A 519 19.62 14.53 2.55
CA SER A 519 18.96 15.67 3.18
C SER A 519 20.00 16.58 3.83
N LEU A 520 21.24 16.12 3.88
CA LEU A 520 22.34 16.90 4.43
C LEU A 520 22.88 17.88 3.39
N HIS A 521 22.65 17.54 2.12
CA HIS A 521 23.14 18.36 1.01
C HIS A 521 22.42 19.70 0.94
N PRO A 522 23.17 20.80 1.09
CA PRO A 522 22.63 22.16 1.08
C PRO A 522 21.91 22.53 -0.22
N GLN A 523 22.37 21.97 -1.34
CA GLN A 523 21.75 22.26 -2.64
C GLN A 523 20.32 21.76 -2.70
N VAL A 524 20.07 20.62 -2.07
CA VAL A 524 18.74 20.03 -2.03
C VAL A 524 17.80 20.88 -1.19
N LEU A 525 18.31 21.38 -0.06
CA LEU A 525 17.51 22.20 0.84
C LEU A 525 17.14 23.54 0.20
N GLU A 526 17.99 24.02 -0.70
CA GLU A 526 17.74 25.28 -1.40
C GLU A 526 16.58 25.14 -2.38
N ILE A 527 16.41 23.95 -2.92
CA ILE A 527 15.33 23.66 -3.87
C ILE A 527 13.97 23.86 -3.21
N PHE A 528 13.87 23.48 -1.93
CA PHE A 528 12.64 23.67 -1.18
C PHE A 528 12.64 25.03 -0.48
N GLY A 529 13.70 25.79 -0.68
CA GLY A 529 13.79 27.14 -0.14
C GLY A 529 14.18 27.19 1.33
N PHE A 530 15.08 26.30 1.73
CA PHE A 530 15.55 26.26 3.11
C PHE A 530 17.01 26.65 3.19
N GLU A 531 17.30 27.74 3.89
CA GLU A 531 18.66 28.27 3.96
C GLU A 531 19.09 28.57 5.39
N GLY A 532 20.40 28.51 5.62
CA GLY A 532 20.98 28.89 6.90
C GLY A 532 20.58 28.03 8.08
N ALA A 533 20.13 28.68 9.15
CA ALA A 533 19.75 27.98 10.37
C ALA A 533 18.48 27.15 10.17
N ASP A 534 17.61 27.62 9.29
CA ASP A 534 16.39 26.89 8.96
C ASP A 534 16.73 25.61 8.21
N ALA A 535 17.78 25.67 7.39
CA ALA A 535 18.23 24.51 6.64
C ALA A 535 18.78 23.43 7.55
N GLU A 536 19.31 23.84 8.70
CA GLU A 536 19.83 22.90 9.68
C GLU A 536 18.71 22.32 10.53
N ASP A 537 17.66 23.10 10.72
CA ASP A 537 16.53 22.69 11.55
C ASP A 537 15.68 21.61 10.86
N VAL A 538 15.51 21.73 9.55
CA VAL A 538 14.74 20.74 8.80
C VAL A 538 15.49 19.42 8.73
N ILE A 539 16.81 19.49 8.87
CA ILE A 539 17.65 18.29 8.89
C ILE A 539 17.49 17.54 10.20
N TYR A 540 17.62 18.25 11.31
CA TYR A 540 17.50 17.66 12.63
C TYR A 540 16.14 16.99 12.83
N VAL A 541 15.09 17.65 12.35
CA VAL A 541 13.73 17.11 12.49
C VAL A 541 13.54 15.88 11.60
N ASN A 542 14.06 15.96 10.38
CA ASN A 542 13.98 14.83 9.45
C ASN A 542 14.66 13.59 10.03
N TRP A 543 15.69 13.80 10.85
CA TRP A 543 16.36 12.72 11.54
C TRP A 543 15.67 12.38 12.86
N LEU A 544 15.11 13.39 13.51
CA LEU A 544 14.40 13.19 14.77
C LEU A 544 13.12 12.40 14.54
N ASN A 545 12.40 12.75 13.47
CA ASN A 545 11.18 12.04 13.12
C ASN A 545 11.45 10.59 12.75
N MET A 546 12.55 10.36 12.06
CA MET A 546 12.95 9.02 11.66
C MET A 546 13.28 8.15 12.88
N VAL A 547 14.07 8.69 13.79
CA VAL A 547 14.47 7.97 14.99
C VAL A 547 13.26 7.66 15.87
N ARG A 548 12.36 8.63 15.98
CA ARG A 548 11.12 8.44 16.74
C ARG A 548 10.24 7.37 16.09
N ALA A 549 10.16 7.42 14.76
CA ALA A 549 9.33 6.48 14.01
C ALA A 549 9.85 5.05 14.15
N GLY A 550 11.15 4.91 14.39
CA GLY A 550 11.76 3.61 14.58
C GLY A 550 11.27 2.97 15.86
N LEU A 551 11.05 3.78 16.89
CA LEU A 551 10.54 3.29 18.16
C LEU A 551 9.05 3.01 18.09
N LEU A 552 8.32 3.86 17.37
CA LEU A 552 6.86 3.71 17.22
C LEU A 552 6.52 2.53 16.31
N ALA A 553 7.52 2.01 15.61
CA ALA A 553 7.32 0.92 14.66
C ALA A 553 7.11 -0.41 15.36
N LEU A 554 7.39 -0.45 16.66
CA LEU A 554 7.26 -1.69 17.43
C LEU A 554 5.79 -2.11 17.54
N GLU A 555 4.89 -1.19 17.26
CA GLU A 555 3.46 -1.48 17.24
C GLU A 555 3.12 -2.48 16.15
N PHE A 556 3.91 -2.47 15.08
CA PHE A 556 3.64 -3.28 13.90
C PHE A 556 4.53 -4.51 13.81
N TYR A 557 4.86 -5.07 14.97
CA TYR A 557 5.67 -6.28 15.03
C TYR A 557 5.03 -7.32 15.95
N THR A 558 4.99 -8.58 15.49
CA THR A 558 4.40 -9.66 16.27
C THR A 558 5.46 -10.62 16.77
N PRO A 559 5.79 -10.56 18.07
CA PRO A 559 6.90 -11.31 18.68
C PRO A 559 6.69 -12.83 18.64
N GLU A 560 5.45 -13.27 18.75
CA GLU A 560 5.14 -14.70 18.80
C GLU A 560 5.46 -15.39 17.47
N ALA A 561 5.36 -14.64 16.38
CA ALA A 561 5.62 -15.18 15.05
C ALA A 561 6.94 -14.63 14.48
N PHE A 562 7.53 -13.69 15.22
CA PHE A 562 8.76 -13.02 14.79
C PHE A 562 8.58 -12.42 13.41
N ASN A 563 7.51 -11.64 13.23
CA ASN A 563 7.14 -11.14 11.93
C ASN A 563 6.78 -9.65 11.94
N TRP A 564 7.21 -8.94 10.90
CA TRP A 564 6.84 -7.54 10.72
C TRP A 564 5.63 -7.42 9.80
N ARG A 565 4.66 -6.61 10.21
CA ARG A 565 3.39 -6.52 9.50
C ARG A 565 3.29 -5.27 8.62
N GLN A 566 4.31 -4.42 8.68
CA GLN A 566 4.30 -3.20 7.89
C GLN A 566 5.70 -2.91 7.33
N ALA A 567 5.79 -2.81 6.00
CA ALA A 567 7.07 -2.71 5.31
C ALA A 567 7.86 -1.44 5.65
N HIS A 568 7.16 -0.31 5.67
CA HIS A 568 7.83 0.97 5.93
C HIS A 568 8.25 1.11 7.38
N MET A 569 7.43 0.58 8.30
CA MET A 569 7.73 0.68 9.71
C MET A 569 8.90 -0.22 10.09
N GLN A 570 8.97 -1.40 9.48
CA GLN A 570 10.12 -2.28 9.65
C GLN A 570 11.37 -1.61 9.10
N ALA A 571 11.21 -0.89 8.00
CA ALA A 571 12.31 -0.19 7.35
C ALA A 571 12.88 0.91 8.25
N ARG A 572 12.02 1.50 9.07
CA ARG A 572 12.43 2.60 9.94
C ARG A 572 13.02 2.10 11.25
N PHE A 573 12.65 0.88 11.64
CA PHE A 573 13.26 0.25 12.82
C PHE A 573 14.69 -0.16 12.49
N VAL A 574 14.90 -0.62 11.27
CA VAL A 574 16.23 -1.03 10.82
C VAL A 574 17.21 0.14 10.84
N ILE A 575 16.77 1.28 10.31
CA ILE A 575 17.58 2.50 10.30
C ILE A 575 17.94 2.92 11.72
N LEU A 576 16.98 2.79 12.63
CA LEU A 576 17.20 3.08 14.04
C LEU A 576 18.29 2.18 14.62
N ARG A 577 18.25 0.91 14.23
CA ARG A 577 19.22 -0.08 14.71
C ARG A 577 20.61 0.19 14.15
N VAL A 578 20.68 0.70 12.93
CA VAL A 578 21.96 1.05 12.31
C VAL A 578 22.60 2.22 13.05
N LEU A 579 21.79 3.23 13.39
CA LEU A 579 22.28 4.39 14.10
C LEU A 579 22.67 4.05 15.52
N LEU A 580 22.01 3.04 16.10
CA LEU A 580 22.37 2.54 17.42
C LEU A 580 23.66 1.74 17.36
N GLU A 581 23.88 1.07 16.23
CA GLU A 581 25.08 0.26 16.03
C GLU A 581 26.34 1.12 16.09
N ALA A 582 26.24 2.33 15.56
CA ALA A 582 27.35 3.28 15.62
C ALA A 582 27.61 3.70 17.07
N GLY A 583 26.53 3.90 17.82
CA GLY A 583 26.63 4.27 19.22
C GLY A 583 27.17 5.67 19.42
N GLU A 584 28.13 5.78 20.35
CA GLU A 584 28.80 7.04 20.67
C GLU A 584 27.80 8.12 21.11
N GLY A 585 26.72 7.70 21.75
CA GLY A 585 25.74 8.61 22.31
C GLY A 585 24.95 9.41 21.27
N LEU A 586 24.93 8.91 20.04
CA LEU A 586 24.19 9.57 18.97
C LEU A 586 22.70 9.52 19.22
N VAL A 587 22.19 8.34 19.58
CA VAL A 587 20.77 8.15 19.84
C VAL A 587 20.57 7.19 21.01
N THR A 588 19.74 7.60 21.97
CA THR A 588 19.44 6.77 23.13
C THR A 588 17.93 6.72 23.40
N ILE A 589 17.45 5.55 23.79
CA ILE A 589 16.05 5.38 24.16
C ILE A 589 15.94 5.00 25.62
N THR A 590 15.56 5.98 26.45
CA THR A 590 15.49 5.77 27.89
C THR A 590 14.05 5.64 28.38
N PRO A 591 13.73 4.49 29.01
CA PRO A 591 12.41 4.26 29.60
C PRO A 591 12.20 5.08 30.87
N THR A 592 11.17 5.93 30.88
CA THR A 592 10.88 6.79 32.02
C THR A 592 9.47 6.57 32.54
N THR A 593 8.91 7.59 33.17
CA THR A 593 7.55 7.53 33.68
C THR A 593 6.76 8.75 33.23
N GLY A 594 5.59 8.50 32.63
CA GLY A 594 4.75 9.56 32.11
C GLY A 594 4.12 10.38 33.23
N SER A 595 3.55 11.53 32.85
CA SER A 595 2.91 12.41 33.81
C SER A 595 1.63 11.81 34.36
N ASP A 596 1.06 10.86 33.63
CA ASP A 596 -0.18 10.20 34.04
C ASP A 596 0.11 9.00 34.96
N GLY A 597 1.38 8.76 35.24
CA GLY A 597 1.79 7.66 36.09
C GLY A 597 1.90 6.35 35.33
N ARG A 598 2.04 6.45 34.02
CA ARG A 598 2.19 5.26 33.18
C ARG A 598 3.59 5.21 32.58
N PRO A 599 4.07 3.99 32.28
CA PRO A 599 5.38 3.79 31.65
C PRO A 599 5.52 4.57 30.33
N ASP A 600 6.60 5.33 30.21
CA ASP A 600 6.86 6.13 29.02
C ASP A 600 8.34 6.05 28.67
N ALA A 601 8.71 6.61 27.52
CA ALA A 601 10.10 6.64 27.09
C ALA A 601 10.47 7.98 26.49
N ARG A 602 11.76 8.26 26.42
CA ARG A 602 12.24 9.50 25.82
C ARG A 602 13.30 9.21 24.77
N VAL A 603 13.40 10.08 23.77
CA VAL A 603 14.33 9.89 22.67
C VAL A 603 15.29 11.06 22.52
N ARG A 604 16.57 10.80 22.76
CA ARG A 604 17.59 11.82 22.61
C ARG A 604 18.41 11.63 21.34
N LEU A 605 18.52 12.68 20.54
CA LEU A 605 19.31 12.64 19.31
C LEU A 605 20.32 13.79 19.29
N ASP A 606 21.60 13.45 19.37
CA ASP A 606 22.66 14.45 19.35
C ASP A 606 22.73 15.16 18.01
N ARG A 607 22.46 16.45 18.02
CA ARG A 607 22.42 17.26 16.79
C ARG A 607 23.79 17.35 16.12
N SER A 608 24.85 17.38 16.92
CA SER A 608 26.20 17.59 16.42
C SER A 608 26.79 16.33 15.79
N LYS A 609 26.47 15.17 16.37
CA LYS A 609 27.06 13.91 15.93
C LYS A 609 26.34 13.28 14.74
N ILE A 610 25.49 14.07 14.08
CA ILE A 610 24.76 13.59 12.92
C ILE A 610 25.68 13.45 11.71
N ARG A 611 26.52 14.45 11.49
CA ARG A 611 27.39 14.46 10.32
C ARG A 611 28.66 13.64 10.51
N SER A 612 29.13 13.54 11.75
CA SER A 612 30.39 12.88 12.05
C SER A 612 30.22 11.39 12.36
N VAL A 613 29.01 11.01 12.78
CA VAL A 613 28.76 9.62 13.17
C VAL A 613 27.64 9.00 12.33
N GLY A 614 26.57 9.75 12.13
CA GLY A 614 25.41 9.26 11.40
C GLY A 614 25.66 9.08 9.92
N LYS A 615 26.24 10.09 9.29
CA LYS A 615 26.52 10.06 7.86
C LYS A 615 27.44 8.90 7.45
N PRO A 616 28.54 8.65 8.19
CA PRO A 616 29.35 7.48 7.81
C PRO A 616 28.61 6.15 8.05
N ALA A 617 27.69 6.13 9.01
CA ALA A 617 26.95 4.91 9.31
C ALA A 617 26.01 4.54 8.16
N LEU A 618 25.29 5.53 7.65
CA LEU A 618 24.39 5.30 6.52
C LEU A 618 25.16 5.02 5.24
N GLU A 619 26.34 5.61 5.12
CA GLU A 619 27.15 5.45 3.92
C GLU A 619 27.58 4.00 3.75
N ARG A 620 27.96 3.36 4.84
CA ARG A 620 28.30 1.94 4.83
C ARG A 620 27.05 1.10 4.55
N PHE A 621 25.98 1.40 5.27
CA PHE A 621 24.74 0.64 5.19
C PHE A 621 24.11 0.72 3.80
N LEU A 622 24.05 1.91 3.23
CA LEU A 622 23.47 2.11 1.91
C LEU A 622 24.24 1.35 0.85
N ARG A 623 25.56 1.26 1.02
CA ARG A 623 26.40 0.55 0.06
C ARG A 623 26.17 -0.96 0.15
N ARG A 624 26.06 -1.48 1.36
CA ARG A 624 25.80 -2.90 1.55
C ARG A 624 24.43 -3.28 1.03
N LEU A 625 23.46 -2.37 1.16
CA LEU A 625 22.12 -2.60 0.65
C LEU A 625 22.10 -2.68 -0.86
N GLN A 626 22.73 -1.72 -1.52
CA GLN A 626 22.71 -1.63 -2.97
C GLN A 626 23.49 -2.77 -3.62
N VAL A 627 24.62 -3.14 -3.01
CA VAL A 627 25.46 -4.21 -3.54
C VAL A 627 24.73 -5.55 -3.57
N LEU A 628 24.10 -5.90 -2.45
CA LEU A 628 23.39 -7.16 -2.35
C LEU A 628 22.10 -7.14 -3.15
N LYS A 629 21.65 -5.95 -3.52
CA LYS A 629 20.45 -5.79 -4.33
C LYS A 629 20.75 -5.93 -5.82
N SER A 630 21.84 -5.29 -6.24
CA SER A 630 22.23 -5.29 -7.65
C SER A 630 22.72 -6.65 -8.13
N THR A 631 23.28 -7.44 -7.22
CA THR A 631 23.77 -8.76 -7.56
C THR A 631 22.71 -9.83 -7.32
N GLY A 632 21.62 -9.45 -6.68
CA GLY A 632 20.56 -10.39 -6.35
C GLY A 632 20.97 -11.36 -5.27
N ASP A 633 21.98 -10.97 -4.50
CA ASP A 633 22.48 -11.80 -3.40
C ASP A 633 21.44 -11.87 -2.29
N VAL A 634 20.44 -12.72 -2.48
CA VAL A 634 19.35 -12.86 -1.51
C VAL A 634 19.86 -13.44 -0.20
N ALA A 635 20.77 -14.42 -0.29
CA ALA A 635 21.33 -15.06 0.88
C ALA A 635 22.04 -14.04 1.78
N GLY A 636 22.71 -13.09 1.16
CA GLY A 636 23.40 -12.04 1.89
C GLY A 636 22.47 -10.92 2.28
N GLY A 637 21.48 -10.66 1.44
CA GLY A 637 20.51 -9.61 1.70
C GLY A 637 19.69 -9.87 2.95
N ARG A 638 19.24 -11.11 3.10
CA ARG A 638 18.45 -11.49 4.28
C ARG A 638 19.32 -11.53 5.53
N ALA A 639 20.57 -11.95 5.36
CA ALA A 639 21.51 -12.00 6.48
C ALA A 639 21.74 -10.61 7.04
N LEU A 640 21.76 -9.62 6.16
CA LEU A 640 21.98 -8.23 6.56
C LEU A 640 20.71 -7.61 7.14
N TYR A 641 19.63 -7.68 6.37
CA TYR A 641 18.39 -6.99 6.74
C TYR A 641 17.70 -7.62 7.95
N GLU A 642 17.55 -8.95 7.94
CA GLU A 642 16.89 -9.65 9.04
C GLU A 642 17.76 -9.69 10.30
N GLY A 643 18.96 -9.14 10.21
CA GLY A 643 19.82 -8.99 11.36
C GLY A 643 19.46 -7.74 12.14
N TYR A 644 19.31 -6.63 11.44
CA TYR A 644 18.92 -5.37 12.07
C TYR A 644 17.43 -5.36 12.39
N ALA A 645 16.67 -6.19 11.68
CA ALA A 645 15.22 -6.26 11.88
C ALA A 645 14.87 -7.15 13.07
N THR A 646 15.88 -7.78 13.65
CA THR A 646 15.69 -8.64 14.81
C THR A 646 15.29 -7.84 16.04
N VAL A 647 14.12 -8.16 16.61
CA VAL A 647 13.63 -7.48 17.79
C VAL A 647 13.85 -8.34 19.03
N THR A 648 14.68 -7.85 19.94
CA THR A 648 15.01 -8.59 21.14
C THR A 648 15.01 -7.69 22.37
N ASP A 649 15.09 -8.29 23.56
CA ASP A 649 15.08 -7.53 24.80
C ASP A 649 16.50 -7.32 25.32
N ALA A 650 17.46 -7.30 24.40
CA ALA A 650 18.86 -7.11 24.77
C ALA A 650 19.13 -5.69 25.26
N PRO A 651 19.93 -5.56 26.33
CA PRO A 651 20.31 -4.26 26.89
C PRO A 651 21.22 -3.47 25.93
N PRO A 652 21.25 -2.14 26.08
CA PRO A 652 20.48 -1.37 27.05
C PRO A 652 19.13 -0.88 26.51
N GLU A 653 18.82 -1.26 25.28
CA GLU A 653 17.60 -0.78 24.62
C GLU A 653 16.35 -1.47 25.16
N SER A 654 16.37 -2.81 25.21
CA SER A 654 15.23 -3.60 25.67
C SER A 654 13.97 -3.28 24.88
N PHE A 655 13.98 -3.59 23.59
CA PHE A 655 12.90 -3.20 22.68
C PHE A 655 11.58 -3.92 22.97
N LEU A 656 11.65 -5.19 23.36
CA LEU A 656 10.44 -5.95 23.65
C LEU A 656 9.67 -5.35 24.83
N THR A 657 10.39 -4.79 25.79
CA THR A 657 9.78 -4.13 26.93
C THR A 657 9.20 -2.79 26.49
N LEU A 658 9.90 -2.11 25.59
CA LEU A 658 9.46 -0.83 25.06
C LEU A 658 8.20 -0.98 24.21
N ARG A 659 8.06 -2.14 23.57
CA ARG A 659 6.93 -2.39 22.68
C ARG A 659 5.60 -2.29 23.42
N ASP A 660 5.58 -2.75 24.66
CA ASP A 660 4.39 -2.68 25.48
C ASP A 660 4.08 -1.25 25.89
N THR A 661 5.10 -0.40 25.85
CA THR A 661 4.93 1.02 26.13
C THR A 661 4.40 1.73 24.88
N VAL A 662 4.90 1.34 23.73
CA VAL A 662 4.44 1.90 22.45
C VAL A 662 2.97 1.59 22.23
N LEU A 663 2.57 0.36 22.54
CA LEU A 663 1.19 -0.07 22.38
C LEU A 663 0.28 0.61 23.39
N LEU A 664 0.82 0.88 24.57
CA LEU A 664 0.05 1.50 25.65
C LEU A 664 -0.27 2.95 25.34
N ARG A 665 0.59 3.59 24.55
CA ARG A 665 0.43 5.01 24.24
C ARG A 665 0.29 5.26 22.75
N LYS A 666 -0.25 4.27 22.03
CA LYS A 666 -0.41 4.38 20.58
C LYS A 666 -1.67 5.15 20.21
N GLU A 667 -1.66 5.73 19.01
CA GLU A 667 -2.85 6.42 18.49
C GLU A 667 -3.25 5.81 17.16
N SER A 668 -4.55 5.60 16.97
CA SER A 668 -5.06 5.00 15.76
C SER A 668 -4.89 5.93 14.56
N ARG A 669 -4.68 5.33 13.39
CA ARG A 669 -4.51 6.10 12.16
C ARG A 669 -5.83 6.75 11.74
N LYS A 670 -5.73 7.98 11.24
CA LYS A 670 -6.90 8.73 10.78
C LYS A 670 -7.63 8.04 9.64
N LEU A 671 -8.94 8.25 9.58
CA LEU A 671 -9.74 7.82 8.44
C LEU A 671 -9.93 9.00 7.50
N ILE A 672 -9.96 8.71 6.20
CA ILE A 672 -10.10 9.78 5.20
C ILE A 672 -11.34 9.59 4.34
N VAL A 673 -12.14 10.65 4.25
CA VAL A 673 -13.35 10.63 3.42
C VAL A 673 -13.07 11.21 2.05
N GLN A 674 -13.46 10.48 1.01
CA GLN A 674 -13.26 10.94 -0.36
C GLN A 674 -14.59 11.38 -0.97
N PRO A 675 -14.56 12.41 -1.82
CA PRO A 675 -15.79 12.92 -2.44
C PRO A 675 -16.35 11.99 -3.51
N ASN A 676 -17.52 12.31 -4.02
CA ASN A 676 -18.11 11.58 -5.13
C ASN A 676 -18.42 12.51 -6.29
N THR A 677 -18.21 12.02 -7.52
CA THR A 677 -18.56 12.79 -8.70
C THR A 677 -19.92 12.33 -9.21
N ARG A 678 -20.81 13.28 -9.44
CA ARG A 678 -22.15 12.98 -9.90
C ARG A 678 -22.34 13.47 -11.33
N LEU A 679 -23.13 12.74 -12.11
CA LEU A 679 -23.41 13.13 -13.49
C LEU A 679 -24.85 13.61 -13.61
N GLU A 680 -24.99 14.87 -13.99
CA GLU A 680 -26.27 15.57 -14.15
C GLU A 680 -26.70 15.70 -15.61
N GLY A 681 -26.31 14.71 -16.41
CA GLY A 681 -26.63 14.65 -17.80
C GLY A 681 -25.78 15.61 -18.58
N SER A 682 -25.85 16.88 -18.24
CA SER A 682 -25.04 17.87 -18.95
C SER A 682 -23.73 18.16 -18.23
N ASP A 683 -23.82 18.47 -16.94
CA ASP A 683 -22.65 18.88 -16.18
C ASP A 683 -22.25 17.85 -15.12
N VAL A 684 -20.97 17.87 -14.75
CA VAL A 684 -20.46 17.01 -13.69
C VAL A 684 -20.27 17.81 -12.40
N GLN A 685 -20.95 17.39 -11.34
CA GLN A 685 -20.87 18.08 -10.06
C GLN A 685 -20.09 17.27 -9.03
N LEU A 686 -19.52 17.96 -8.05
CA LEU A 686 -18.75 17.32 -7.00
C LEU A 686 -19.54 17.27 -5.69
N LEU A 687 -19.63 16.08 -5.11
CA LEU A 687 -20.35 15.91 -3.85
C LEU A 687 -19.39 15.68 -2.70
N GLU A 688 -19.50 16.51 -1.66
CA GLU A 688 -18.62 16.41 -0.51
C GLU A 688 -19.38 15.93 0.72
N TYR A 689 -18.64 15.38 1.69
CA TYR A 689 -19.26 14.77 2.86
C TYR A 689 -18.62 15.21 4.16
N GLU A 690 -19.30 14.93 5.27
CA GLU A 690 -18.84 15.33 6.60
C GLU A 690 -17.61 14.55 7.04
N ALA A 691 -16.69 15.22 7.70
CA ALA A 691 -15.48 14.57 8.22
C ALA A 691 -15.80 13.80 9.50
N SER A 692 -16.60 12.74 9.36
CA SER A 692 -16.98 11.91 10.50
C SER A 692 -17.25 10.48 10.04
N ALA A 693 -17.56 9.61 10.99
CA ALA A 693 -17.86 8.22 10.69
C ALA A 693 -19.12 8.11 9.82
N ALA A 694 -20.13 8.91 10.18
CA ALA A 694 -21.39 8.93 9.45
C ALA A 694 -21.19 9.55 8.06
N GLY A 695 -20.27 10.50 7.98
CA GLY A 695 -19.95 11.13 6.71
C GLY A 695 -19.28 10.16 5.74
N LEU A 696 -18.42 9.31 6.28
CA LEU A 696 -17.70 8.33 5.46
C LEU A 696 -18.65 7.26 4.94
N ILE A 697 -19.63 6.89 5.75
CA ILE A 697 -20.62 5.89 5.37
C ILE A 697 -21.51 6.42 4.23
N ARG A 698 -21.89 7.69 4.35
CA ARG A 698 -22.73 8.33 3.33
C ARG A 698 -22.05 8.41 1.98
N SER A 699 -20.72 8.56 1.98
CA SER A 699 -19.96 8.69 0.75
C SER A 699 -19.97 7.38 -0.03
N PHE A 700 -20.12 6.27 0.68
CA PHE A 700 -20.16 4.96 0.04
C PHE A 700 -21.59 4.54 -0.30
N SER A 701 -22.56 5.16 0.37
CA SER A 701 -23.96 4.91 0.09
C SER A 701 -24.39 5.59 -1.21
N GLU A 702 -23.71 6.68 -1.54
CA GLU A 702 -24.00 7.43 -2.76
C GLU A 702 -22.95 7.16 -3.83
N ARG A 703 -22.06 6.21 -3.55
CA ARG A 703 -20.93 5.92 -4.44
C ARG A 703 -21.35 5.14 -5.68
N PHE A 704 -22.34 4.26 -5.53
CA PHE A 704 -22.81 3.46 -6.64
C PHE A 704 -24.33 3.60 -6.80
N PRO A 705 -24.77 4.72 -7.38
CA PRO A 705 -26.20 5.03 -7.49
C PRO A 705 -26.95 4.06 -8.42
N GLU A 706 -26.36 3.78 -9.56
CA GLU A 706 -27.02 2.97 -10.59
C GLU A 706 -27.13 1.50 -10.19
N ASP A 707 -25.99 0.89 -9.90
CA ASP A 707 -25.94 -0.55 -9.68
C ASP A 707 -25.51 -0.92 -8.26
N GLY A 708 -26.00 -0.18 -7.28
CA GLY A 708 -25.69 -0.43 -5.88
C GLY A 708 -26.01 -1.84 -5.41
N PRO A 709 -27.30 -2.20 -5.38
CA PRO A 709 -27.73 -3.54 -4.97
C PRO A 709 -27.16 -4.66 -5.84
N GLU A 710 -26.81 -4.32 -7.08
CA GLU A 710 -26.23 -5.30 -8.00
C GLU A 710 -24.82 -5.68 -7.57
N LEU A 711 -24.03 -4.69 -7.16
CA LEU A 711 -22.66 -4.91 -6.73
C LEU A 711 -22.58 -5.75 -5.45
N GLU A 712 -23.66 -5.71 -4.66
CA GLU A 712 -23.73 -6.50 -3.44
C GLU A 712 -23.91 -7.98 -3.76
N GLU A 713 -24.75 -8.28 -4.75
CA GLU A 713 -25.02 -9.65 -5.14
C GLU A 713 -23.80 -10.29 -5.80
N ILE A 714 -23.04 -9.49 -6.53
CA ILE A 714 -21.81 -9.97 -7.16
C ILE A 714 -20.77 -10.38 -6.12
N LEU A 715 -20.59 -9.54 -5.11
CA LEU A 715 -19.64 -9.82 -4.05
C LEU A 715 -20.04 -11.05 -3.25
N THR A 716 -21.34 -11.22 -3.06
CA THR A 716 -21.86 -12.39 -2.35
C THR A 716 -21.63 -13.66 -3.18
N GLN A 717 -21.83 -13.54 -4.49
CA GLN A 717 -21.62 -14.66 -5.41
C GLN A 717 -20.20 -15.17 -5.41
N LEU A 718 -19.25 -14.26 -5.66
CA LEU A 718 -17.84 -14.61 -5.77
C LEU A 718 -17.28 -15.19 -4.47
N ALA A 719 -17.78 -14.68 -3.33
CA ALA A 719 -17.34 -15.16 -2.03
C ALA A 719 -17.87 -16.57 -1.75
N THR A 720 -19.10 -16.83 -2.18
CA THR A 720 -19.74 -18.13 -1.95
C THR A 720 -19.09 -19.23 -2.77
N ALA A 721 -18.58 -18.87 -3.95
CA ALA A 721 -17.95 -19.83 -4.84
C ALA A 721 -16.65 -20.38 -4.27
N ASP A 722 -15.82 -19.49 -3.71
CA ASP A 722 -14.52 -19.89 -3.18
C ASP A 722 -14.55 -20.18 -1.68
N ALA A 723 -15.76 -20.37 -1.13
CA ALA A 723 -15.93 -20.57 0.30
C ALA A 723 -15.21 -21.82 0.81
N ARG A 724 -15.05 -22.81 -0.05
CA ARG A 724 -14.44 -24.08 0.35
C ARG A 724 -12.94 -23.97 0.60
N PHE A 725 -12.35 -22.87 0.12
CA PHE A 725 -10.90 -22.69 0.24
C PHE A 725 -10.48 -22.26 1.64
N TRP A 726 -11.41 -21.72 2.41
CA TRP A 726 -11.09 -21.23 3.75
C TRP A 726 -12.08 -21.74 4.80
N ILE B 1 6.52 2.70 -6.35
CA ILE B 1 6.00 1.97 -5.20
C ILE B 1 5.16 2.91 -4.33
N VAL B 2 5.49 3.01 -3.04
CA VAL B 2 4.64 3.75 -2.11
C VAL B 2 5.43 4.40 -0.97
N TYR B 3 4.99 5.59 -0.56
CA TYR B 3 5.45 6.24 0.66
C TYR B 3 4.25 6.76 1.44
N PRO B 4 4.05 6.26 2.67
CA PRO B 4 2.85 6.53 3.47
C PRO B 4 2.91 7.85 4.26
N TRP B 5 1.80 8.18 4.90
CA TRP B 5 1.72 9.38 5.72
C TRP B 5 1.54 9.03 7.20
#